data_6P7P
#
_entry.id   6P7P
#
_cell.length_a   131.592
_cell.length_b   131.592
_cell.length_c   252.109
_cell.angle_alpha   90.00
_cell.angle_beta   90.00
_cell.angle_gamma   120.00
#
_symmetry.space_group_name_H-M   'H 3 2'
#
loop_
_entity.id
_entity.type
_entity.pdbx_description
1 polymer 'E. coli MS115-1 NucC 2-241'
2 polymer "Cyclic tri-AMP (5'-3' linked)"
3 non-polymer 'CHLORIDE ION'
4 water water
#
loop_
_entity_poly.entity_id
_entity_poly.type
_entity_poly.pdbx_seq_one_letter_code
_entity_poly.pdbx_strand_id
1 'polypeptide(L)'
;SNASDWSLSQLFASLHEDIQLRLGTARKAFQHPGAKGDASEGVWIEMLDTYLPKRYQAANAFVVDSLGNFSDQINVVVFD
RQYSPFIFKFNEQIIVPAESVYAVFEAKQSASADLVAYAQRKVASVRRLHRTSLPIPHAGGTYPAKPLIPILGGLLTFES
DWSPALGMSFDKALNGDLSDGRLDMGCVASHGHFYFNNIDSKFNFEHGNKPATAFLFRLIAQLQFSGTVPMIDIDAYGKW
LAN
;
A,B,C
2 'polyribonucleotide' AAA D,E,F
#
loop_
_chem_comp.id
_chem_comp.type
_chem_comp.name
_chem_comp.formula
A RNA linking ADENOSINE-5'-MONOPHOSPHATE 'C10 H14 N5 O7 P'
CL non-polymer 'CHLORIDE ION' 'Cl -1'
#
# COMPACT_ATOMS: atom_id res chain seq x y z
N ALA A 3 27.54 -34.78 -17.50
CA ALA A 3 26.15 -35.32 -17.38
C ALA A 3 26.12 -36.81 -17.74
N SER A 4 27.02 -37.58 -17.14
CA SER A 4 27.07 -39.01 -17.43
C SER A 4 25.94 -39.76 -16.76
N ASP A 5 25.55 -39.37 -15.54
CA ASP A 5 24.55 -40.11 -14.79
C ASP A 5 23.68 -39.16 -13.99
N TRP A 6 22.59 -39.72 -13.49
CA TRP A 6 21.68 -38.97 -12.65
C TRP A 6 22.46 -38.33 -11.50
N SER A 7 22.04 -37.13 -11.11
CA SER A 7 22.67 -36.38 -10.03
C SER A 7 21.67 -35.55 -9.26
N LEU A 8 21.54 -35.80 -7.95
CA LEU A 8 20.72 -34.93 -7.12
C LEU A 8 21.22 -33.50 -7.16
N SER A 9 22.54 -33.32 -7.09
CA SER A 9 23.09 -31.98 -7.13
CA SER A 9 23.09 -31.98 -7.13
C SER A 9 22.63 -31.25 -8.40
N GLN A 10 22.64 -31.93 -9.54
CA GLN A 10 22.20 -31.28 -10.76
C GLN A 10 20.73 -30.92 -10.70
N LEU A 11 19.90 -31.82 -10.17
CA LEU A 11 18.48 -31.50 -10.05
C LEU A 11 18.28 -30.23 -9.24
N PHE A 12 18.98 -30.12 -8.10
CA PHE A 12 18.84 -28.96 -7.24
C PHE A 12 19.42 -27.72 -7.89
N ALA A 13 20.51 -27.88 -8.68
CA ALA A 13 21.02 -26.75 -9.44
C ALA A 13 20.02 -26.27 -10.48
N SER A 14 19.37 -27.19 -11.19
CA SER A 14 18.40 -26.80 -12.21
C SER A 14 17.15 -26.16 -11.60
N LEU A 15 16.74 -26.64 -10.43
CA LEU A 15 15.62 -26.01 -9.75
C LEU A 15 15.96 -24.56 -9.43
N HIS A 16 17.14 -24.34 -8.86
CA HIS A 16 17.57 -23.00 -8.53
C HIS A 16 17.78 -22.12 -9.76
N GLU A 17 18.44 -22.64 -10.80
CA GLU A 17 18.76 -21.83 -11.98
C GLU A 17 17.50 -21.33 -12.67
N ASP A 18 16.47 -22.16 -12.71
CA ASP A 18 15.17 -21.73 -13.25
C ASP A 18 14.65 -20.53 -12.49
N ILE A 19 14.73 -20.57 -11.16
CA ILE A 19 14.26 -19.44 -10.36
C ILE A 19 15.11 -18.21 -10.63
N GLN A 20 16.43 -18.35 -10.55
CA GLN A 20 17.29 -17.19 -10.72
C GLN A 20 17.09 -16.55 -12.09
N LEU A 21 17.04 -17.35 -13.15
CA LEU A 21 16.88 -16.78 -14.48
C LEU A 21 15.53 -16.10 -14.64
N ARG A 22 14.44 -16.71 -14.15
CA ARG A 22 13.12 -16.10 -14.30
C ARG A 22 13.00 -14.83 -13.47
N LEU A 23 13.60 -14.80 -12.27
CA LEU A 23 13.56 -13.55 -11.50
C LEU A 23 14.35 -12.46 -12.21
N GLY A 24 15.46 -12.83 -12.85
CA GLY A 24 16.22 -11.83 -13.57
C GLY A 24 15.46 -11.33 -14.79
N THR A 25 14.73 -12.24 -15.45
CA THR A 25 13.88 -11.85 -16.58
C THR A 25 12.78 -10.90 -16.15
N ALA A 26 12.13 -11.20 -15.03
CA ALA A 26 11.08 -10.32 -14.50
C ALA A 26 11.63 -8.91 -14.30
N ARG A 27 12.80 -8.82 -13.68
CA ARG A 27 13.40 -7.52 -13.40
C ARG A 27 13.78 -6.77 -14.66
N LYS A 28 14.40 -7.46 -15.63
CA LYS A 28 14.89 -6.81 -16.84
C LYS A 28 13.76 -6.46 -17.79
N ALA A 29 12.84 -7.40 -17.98
CA ALA A 29 11.91 -7.26 -19.09
C ALA A 29 10.80 -6.28 -18.81
N PHE A 30 10.27 -6.28 -17.58
CA PHE A 30 9.11 -5.47 -17.23
C PHE A 30 9.55 -4.13 -16.66
N GLN A 31 9.55 -3.12 -17.52
CA GLN A 31 10.01 -1.77 -17.17
C GLN A 31 8.85 -0.88 -16.74
N HIS A 32 8.19 -1.36 -15.72
CA HIS A 32 7.03 -0.77 -15.08
C HIS A 32 6.99 -1.32 -13.67
N PRO A 33 6.85 -0.48 -12.64
CA PRO A 33 7.05 -1.01 -11.28
C PRO A 33 6.02 -2.03 -10.87
N GLY A 34 4.76 -1.81 -11.23
CA GLY A 34 3.72 -2.75 -10.88
C GLY A 34 3.88 -4.09 -11.60
N ALA A 35 4.10 -4.02 -12.91
CA ALA A 35 4.29 -5.25 -13.68
C ALA A 35 5.52 -6.00 -13.23
N LYS A 36 6.60 -5.28 -12.91
CA LYS A 36 7.83 -5.96 -12.49
C LYS A 36 7.62 -6.71 -11.18
N GLY A 37 6.94 -6.08 -10.23
CA GLY A 37 6.70 -6.74 -8.96
C GLY A 37 5.78 -7.93 -9.13
N ASP A 38 4.75 -7.78 -9.96
CA ASP A 38 3.83 -8.90 -10.19
C ASP A 38 4.58 -10.07 -10.79
N ALA A 39 5.45 -9.78 -11.77
CA ALA A 39 6.22 -10.84 -12.41
C ALA A 39 7.11 -11.56 -11.41
N SER A 40 7.85 -10.81 -10.59
CA SER A 40 8.77 -11.44 -9.65
C SER A 40 8.01 -12.22 -8.58
N GLU A 41 6.96 -11.62 -8.01
CA GLU A 41 6.20 -12.32 -6.99
C GLU A 41 5.67 -13.65 -7.50
N GLY A 42 5.21 -13.68 -8.76
CA GLY A 42 4.65 -14.89 -9.33
C GLY A 42 5.66 -16.01 -9.47
N VAL A 43 6.93 -15.66 -9.67
CA VAL A 43 7.97 -16.68 -9.76
C VAL A 43 8.13 -17.38 -8.42
N TRP A 44 8.20 -16.59 -7.33
CA TRP A 44 8.34 -17.19 -6.01
C TRP A 44 7.11 -18.01 -5.64
N ILE A 45 5.92 -17.48 -5.91
CA ILE A 45 4.69 -18.22 -5.63
C ILE A 45 4.68 -19.52 -6.41
N GLU A 46 5.12 -19.49 -7.67
CA GLU A 46 5.11 -20.72 -8.47
C GLU A 46 6.05 -21.76 -7.88
N MET A 47 7.21 -21.33 -7.36
CA MET A 47 8.13 -22.28 -6.77
C MET A 47 7.46 -22.97 -5.59
N LEU A 48 6.82 -22.18 -4.74
CA LEU A 48 6.19 -22.74 -3.55
C LEU A 48 5.00 -23.61 -3.93
N ASP A 49 4.22 -23.18 -4.92
CA ASP A 49 3.09 -23.97 -5.36
C ASP A 49 3.53 -25.31 -5.91
N THR A 50 4.65 -25.31 -6.64
CA THR A 50 5.13 -26.52 -7.28
C THR A 50 5.67 -27.51 -6.26
N TYR A 51 6.48 -27.02 -5.32
CA TYR A 51 7.30 -27.89 -4.48
C TYR A 51 6.82 -28.06 -3.06
N LEU A 52 6.14 -27.07 -2.43
CA LEU A 52 5.72 -27.30 -1.08
C LEU A 52 4.71 -28.44 -1.02
N PRO A 53 4.72 -29.20 0.07
CA PRO A 53 3.63 -30.14 0.34
C PRO A 53 2.26 -29.48 0.17
N LYS A 54 1.29 -30.26 -0.32
CA LYS A 54 -0.02 -29.71 -0.66
C LYS A 54 -0.85 -29.29 0.56
N ARG A 55 -0.40 -29.61 1.77
CA ARG A 55 -1.05 -29.04 2.94
C ARG A 55 -0.86 -27.51 3.00
N TYR A 56 0.05 -26.97 2.19
CA TYR A 56 0.32 -25.53 2.17
C TYR A 56 -0.23 -24.91 0.90
N GLN A 57 -0.86 -23.76 1.06
CA GLN A 57 -1.24 -22.88 -0.03
C GLN A 57 -0.25 -21.72 -0.05
N ALA A 58 -0.02 -21.15 -1.23
CA ALA A 58 0.83 -19.96 -1.30
C ALA A 58 0.19 -18.96 -2.26
N ALA A 59 -0.01 -17.73 -1.80
CA ALA A 59 -0.66 -16.72 -2.63
C ALA A 59 -0.46 -15.33 -2.02
N ASN A 60 -0.78 -14.31 -2.81
CA ASN A 60 -0.88 -12.94 -2.32
C ASN A 60 -2.21 -12.82 -1.58
N ALA A 61 -2.22 -12.18 -0.41
CA ALA A 61 -3.47 -12.06 0.34
C ALA A 61 -3.37 -10.96 1.37
N PHE A 62 -4.53 -10.51 1.85
CA PHE A 62 -4.63 -9.78 3.10
C PHE A 62 -4.96 -10.79 4.19
N VAL A 63 -4.55 -10.48 5.42
CA VAL A 63 -4.87 -11.30 6.59
C VAL A 63 -5.72 -10.46 7.53
N VAL A 64 -6.70 -11.09 8.17
CA VAL A 64 -7.57 -10.41 9.13
C VAL A 64 -7.81 -11.33 10.31
N ASP A 65 -8.09 -10.75 11.47
CA ASP A 65 -8.42 -11.52 12.66
C ASP A 65 -9.85 -11.24 13.10
N SER A 66 -10.28 -12.02 14.10
CA SER A 66 -11.67 -11.98 14.57
C SER A 66 -11.98 -10.74 15.38
N LEU A 67 -10.99 -9.90 15.62
CA LEU A 67 -11.19 -8.64 16.31
C LEU A 67 -11.25 -7.47 15.34
N GLY A 68 -11.18 -7.76 14.05
CA GLY A 68 -11.25 -6.73 13.04
C GLY A 68 -9.94 -6.06 12.72
N ASN A 69 -8.82 -6.64 13.15
CA ASN A 69 -7.51 -6.09 12.76
C ASN A 69 -7.11 -6.67 11.42
N PHE A 70 -6.76 -5.79 10.49
CA PHE A 70 -6.33 -6.19 9.14
C PHE A 70 -4.84 -5.96 8.99
N SER A 71 -4.18 -6.88 8.31
CA SER A 71 -2.80 -6.68 7.92
C SER A 71 -2.71 -5.82 6.65
N ASP A 72 -1.47 -5.44 6.30
CA ASP A 72 -1.18 -4.91 4.99
C ASP A 72 -1.30 -6.04 3.96
N GLN A 73 -1.29 -5.67 2.67
CA GLN A 73 -1.27 -6.69 1.63
C GLN A 73 0.05 -7.45 1.72
N ILE A 74 -0.01 -8.77 1.73
CA ILE A 74 1.18 -9.61 1.86
C ILE A 74 1.49 -10.26 0.52
N ASN A 75 2.73 -10.07 0.04
CA ASN A 75 3.14 -10.56 -1.28
C ASN A 75 3.01 -12.08 -1.38
N VAL A 76 3.52 -12.78 -0.36
CA VAL A 76 3.57 -14.23 -0.36
C VAL A 76 3.11 -14.70 1.01
N VAL A 77 1.89 -15.22 1.09
CA VAL A 77 1.37 -15.83 2.31
C VAL A 77 1.35 -17.33 2.11
N VAL A 78 1.87 -18.09 3.07
CA VAL A 78 1.75 -19.54 3.11
C VAL A 78 0.70 -19.87 4.16
N PHE A 79 -0.37 -20.57 3.75
CA PHE A 79 -1.51 -20.70 4.65
C PHE A 79 -2.23 -22.03 4.41
N ASP A 80 -3.09 -22.37 5.37
CA ASP A 80 -3.88 -23.59 5.31
C ASP A 80 -5.23 -23.32 4.65
N ARG A 81 -5.67 -24.27 3.83
CA ARG A 81 -7.06 -24.30 3.40
C ARG A 81 -7.75 -25.64 3.68
N GLN A 82 -7.02 -26.63 4.21
CA GLN A 82 -7.65 -27.93 4.46
C GLN A 82 -8.63 -27.85 5.61
N TYR A 83 -8.36 -26.96 6.57
CA TYR A 83 -9.12 -26.82 7.79
C TYR A 83 -9.62 -25.41 8.01
N SER A 84 -9.43 -24.51 7.05
CA SER A 84 -9.67 -23.08 7.24
C SER A 84 -10.47 -22.57 6.05
N PRO A 85 -11.51 -21.77 6.30
CA PRO A 85 -12.16 -21.05 5.21
C PRO A 85 -11.37 -19.82 4.78
N PHE A 86 -11.70 -19.31 3.60
CA PHE A 86 -11.43 -17.92 3.33
C PHE A 86 -12.38 -17.04 4.15
N ILE A 87 -11.91 -15.85 4.51
CA ILE A 87 -12.83 -14.86 5.04
C ILE A 87 -13.58 -14.19 3.89
N PHE A 88 -12.92 -13.96 2.77
CA PHE A 88 -13.57 -13.35 1.61
C PHE A 88 -12.75 -13.67 0.37
N LYS A 89 -13.44 -13.95 -0.71
CA LYS A 89 -12.78 -14.12 -1.99
C LYS A 89 -13.61 -13.46 -3.08
N PHE A 90 -12.94 -12.71 -3.93
CA PHE A 90 -13.58 -11.99 -5.04
C PHE A 90 -12.64 -12.19 -6.22
N ASN A 91 -13.04 -13.09 -7.13
CA ASN A 91 -12.14 -13.50 -8.23
C ASN A 91 -10.75 -13.85 -7.67
N GLU A 92 -9.70 -13.15 -8.08
CA GLU A 92 -8.37 -13.56 -7.63
C GLU A 92 -7.98 -13.01 -6.25
N GLN A 93 -8.74 -12.05 -5.72
N GLN A 93 -8.72 -12.05 -5.72
CA GLN A 93 -8.36 -11.39 -4.47
CA GLN A 93 -8.32 -11.41 -4.48
C GLN A 93 -8.91 -12.17 -3.28
C GLN A 93 -8.89 -12.15 -3.27
N ILE A 94 -8.05 -12.43 -2.30
CA ILE A 94 -8.43 -13.25 -1.15
C ILE A 94 -8.04 -12.57 0.16
N ILE A 95 -8.87 -12.82 1.16
CA ILE A 95 -8.65 -12.39 2.53
C ILE A 95 -8.72 -13.66 3.37
N VAL A 96 -7.64 -13.96 4.08
CA VAL A 96 -7.53 -15.17 4.87
C VAL A 96 -7.59 -14.84 6.36
N PRO A 97 -8.12 -15.75 7.17
CA PRO A 97 -8.06 -15.55 8.63
C PRO A 97 -6.67 -15.78 9.19
N ALA A 98 -6.32 -14.99 10.21
CA ALA A 98 -5.01 -15.12 10.83
C ALA A 98 -4.70 -16.56 11.22
N GLU A 99 -5.72 -17.31 11.65
CA GLU A 99 -5.48 -18.68 12.12
C GLU A 99 -4.96 -19.57 11.03
N SER A 100 -5.16 -19.21 9.76
CA SER A 100 -4.72 -20.07 8.68
C SER A 100 -3.26 -19.88 8.32
N VAL A 101 -2.55 -18.91 8.89
CA VAL A 101 -1.25 -18.50 8.33
C VAL A 101 -0.12 -19.30 8.96
N TYR A 102 0.75 -19.84 8.09
CA TYR A 102 2.00 -20.47 8.46
C TYR A 102 3.21 -19.57 8.33
N ALA A 103 3.27 -18.77 7.28
CA ALA A 103 4.45 -17.98 6.99
C ALA A 103 4.07 -16.78 6.11
N VAL A 104 4.86 -15.71 6.21
CA VAL A 104 4.62 -14.53 5.39
C VAL A 104 5.97 -14.03 4.87
N PHE A 105 6.00 -13.70 3.57
CA PHE A 105 7.22 -13.21 2.93
C PHE A 105 6.91 -11.95 2.14
N GLU A 106 7.85 -11.03 2.13
CA GLU A 106 7.89 -9.92 1.20
C GLU A 106 8.84 -10.28 0.07
N ALA A 107 8.42 -10.08 -1.18
CA ALA A 107 9.26 -10.37 -2.34
C ALA A 107 9.55 -9.06 -3.05
N LYS A 108 10.82 -8.76 -3.28
CA LYS A 108 11.23 -7.51 -3.94
C LYS A 108 12.44 -7.79 -4.82
N GLN A 109 12.94 -6.73 -5.47
CA GLN A 109 14.04 -6.96 -6.42
C GLN A 109 15.39 -7.13 -5.73
N SER A 110 15.69 -6.26 -4.77
CA SER A 110 17.04 -6.24 -4.23
C SER A 110 17.04 -5.84 -2.77
N ALA A 111 17.77 -6.60 -1.95
CA ALA A 111 17.84 -6.35 -0.52
C ALA A 111 18.52 -5.02 -0.22
N SER A 112 18.05 -4.35 0.82
CA SER A 112 18.57 -3.06 1.23
C SER A 112 18.12 -2.84 2.66
N ALA A 113 18.69 -1.84 3.33
CA ALA A 113 18.27 -1.57 4.70
C ALA A 113 16.79 -1.22 4.75
N ASP A 114 16.32 -0.40 3.80
CA ASP A 114 14.92 -0.02 3.79
C ASP A 114 14.01 -1.22 3.56
N LEU A 115 14.41 -2.12 2.67
CA LEU A 115 13.56 -3.25 2.34
C LEU A 115 13.57 -4.30 3.44
N VAL A 116 14.70 -4.51 4.12
CA VAL A 116 14.69 -5.41 5.26
C VAL A 116 13.76 -4.88 6.34
N ALA A 117 13.82 -3.58 6.60
CA ALA A 117 12.92 -2.97 7.59
C ALA A 117 11.46 -3.10 7.16
N TYR A 118 11.19 -2.89 5.87
CA TYR A 118 9.83 -3.02 5.35
C TYR A 118 9.29 -4.42 5.59
N ALA A 119 10.11 -5.44 5.35
CA ALA A 119 9.70 -6.82 5.53
C ALA A 119 9.47 -7.13 7.00
N GLN A 120 10.32 -6.60 7.87
CA GLN A 120 10.14 -6.78 9.31
C GLN A 120 8.80 -6.21 9.75
N ARG A 121 8.45 -5.01 9.25
CA ARG A 121 7.18 -4.40 9.62
C ARG A 121 6.00 -5.22 9.11
N LYS A 122 6.12 -5.76 7.88
CA LYS A 122 5.04 -6.58 7.33
C LYS A 122 4.82 -7.84 8.17
N VAL A 123 5.93 -8.49 8.55
CA VAL A 123 5.83 -9.71 9.36
C VAL A 123 5.20 -9.39 10.70
N ALA A 124 5.64 -8.29 11.34
CA ALA A 124 5.05 -7.94 12.63
C ALA A 124 3.57 -7.69 12.48
N SER A 125 3.15 -7.11 11.36
CA SER A 125 1.75 -6.75 11.21
C SER A 125 0.85 -7.99 11.21
N VAL A 126 1.37 -9.12 10.73
CA VAL A 126 0.61 -10.36 10.76
C VAL A 126 0.73 -11.04 12.12
N ARG A 127 1.93 -11.03 12.71
CA ARG A 127 2.12 -11.68 14.00
C ARG A 127 1.30 -11.01 15.09
N ARG A 128 1.00 -9.72 14.95
CA ARG A 128 0.25 -8.99 15.97
C ARG A 128 -1.24 -9.28 15.91
N LEU A 129 -1.71 -10.03 14.90
CA LEU A 129 -3.12 -10.37 14.82
C LEU A 129 -3.47 -11.47 15.82
N HIS A 130 -4.70 -11.43 16.31
CA HIS A 130 -5.16 -12.41 17.27
C HIS A 130 -5.59 -13.70 16.57
N ARG A 131 -5.16 -14.83 17.12
CA ARG A 131 -5.56 -16.13 16.60
C ARG A 131 -6.32 -16.92 17.66
N THR A 132 -7.51 -17.38 17.28
CA THR A 132 -8.26 -18.30 18.11
C THR A 132 -7.71 -19.72 17.97
N SER A 133 -8.13 -20.56 18.90
CA SER A 133 -7.72 -21.97 18.89
C SER A 133 -8.71 -22.76 19.74
N LEU A 134 -9.43 -23.66 19.11
CA LEU A 134 -10.39 -24.48 19.81
C LEU A 134 -9.90 -25.91 20.04
N PRO A 135 -10.44 -26.63 21.02
CA PRO A 135 -10.18 -28.07 21.12
C PRO A 135 -10.51 -28.77 19.80
N ILE A 136 -9.71 -29.78 19.47
CA ILE A 136 -9.71 -30.33 18.12
C ILE A 136 -10.28 -31.74 18.14
N PRO A 137 -11.47 -31.97 17.58
CA PRO A 137 -11.98 -33.33 17.42
C PRO A 137 -11.17 -34.13 16.41
N HIS A 138 -10.91 -35.40 16.73
CA HIS A 138 -10.15 -36.25 15.82
C HIS A 138 -10.58 -37.69 16.08
N ALA A 139 -9.95 -38.61 15.36
CA ALA A 139 -10.47 -39.97 15.34
C ALA A 139 -10.46 -40.57 16.74
N GLY A 140 -9.49 -40.19 17.56
CA GLY A 140 -9.35 -40.75 18.89
C GLY A 140 -10.04 -39.98 20.00
N GLY A 141 -10.70 -38.88 19.71
CA GLY A 141 -11.37 -38.09 20.73
C GLY A 141 -11.29 -36.60 20.46
N THR A 142 -10.81 -35.84 21.44
CA THR A 142 -10.67 -34.40 21.31
C THR A 142 -9.35 -33.96 21.94
N TYR A 143 -8.50 -33.31 21.17
CA TYR A 143 -7.26 -32.76 21.68
C TYR A 143 -7.56 -31.46 22.39
N PRO A 144 -6.77 -31.10 23.39
CA PRO A 144 -6.84 -29.73 23.89
C PRO A 144 -6.54 -28.77 22.75
N ALA A 145 -7.00 -27.53 22.90
CA ALA A 145 -6.69 -26.50 21.91
C ALA A 145 -5.19 -26.45 21.66
N LYS A 146 -4.82 -26.41 20.39
CA LYS A 146 -3.41 -26.39 20.07
C LYS A 146 -2.78 -25.06 20.47
N PRO A 147 -1.67 -25.08 21.20
CA PRO A 147 -0.92 -23.85 21.46
C PRO A 147 -0.54 -23.16 20.15
N LEU A 148 -0.54 -21.83 20.15
CA LEU A 148 -0.35 -21.11 18.89
C LEU A 148 1.03 -21.36 18.29
N ILE A 149 1.05 -21.62 16.99
CA ILE A 149 2.26 -21.90 16.24
C ILE A 149 2.99 -20.59 15.90
N PRO A 150 4.31 -20.54 15.87
CA PRO A 150 4.97 -19.33 15.39
C PRO A 150 4.64 -19.11 13.91
N ILE A 151 4.47 -17.86 13.50
CA ILE A 151 4.34 -17.55 12.07
C ILE A 151 5.73 -17.20 11.56
N LEU A 152 6.19 -17.90 10.53
CA LEU A 152 7.52 -17.66 10.02
C LEU A 152 7.49 -16.43 9.12
N GLY A 153 8.57 -15.68 9.11
CA GLY A 153 8.63 -14.50 8.29
C GLY A 153 9.94 -14.40 7.55
N GLY A 154 9.89 -13.69 6.41
CA GLY A 154 11.13 -13.53 5.67
C GLY A 154 11.00 -12.58 4.50
N LEU A 155 12.09 -12.57 3.73
CA LEU A 155 12.33 -11.64 2.64
C LEU A 155 12.93 -12.44 1.49
N LEU A 156 12.38 -12.25 0.29
CA LEU A 156 12.81 -12.94 -0.91
C LEU A 156 13.20 -11.90 -1.95
N THR A 157 14.44 -11.96 -2.44
CA THR A 157 14.87 -10.99 -3.43
C THR A 157 15.70 -11.67 -4.52
N PHE A 158 15.90 -10.94 -5.61
CA PHE A 158 16.80 -11.40 -6.68
C PHE A 158 18.24 -11.03 -6.38
N GLU A 159 18.46 -9.82 -5.92
CA GLU A 159 19.78 -9.24 -5.77
C GLU A 159 19.93 -8.65 -4.37
N SER A 160 21.13 -8.11 -4.12
CA SER A 160 21.42 -7.30 -2.95
C SER A 160 22.04 -6.00 -3.39
N ASP A 161 21.63 -4.89 -2.75
CA ASP A 161 22.22 -3.59 -3.00
C ASP A 161 23.59 -3.44 -2.35
N TRP A 162 23.90 -4.31 -1.40
CA TRP A 162 25.15 -4.22 -0.69
C TRP A 162 26.27 -4.95 -1.43
N SER A 163 27.48 -4.50 -1.16
CA SER A 163 28.69 -5.19 -1.59
C SER A 163 29.63 -5.20 -0.40
N PRO A 164 29.93 -6.37 0.22
CA PRO A 164 29.47 -7.70 -0.18
C PRO A 164 27.97 -7.87 -0.02
N ALA A 165 27.42 -8.76 -0.85
CA ALA A 165 25.98 -8.90 -0.93
C ALA A 165 25.36 -9.38 0.37
N LEU A 166 25.97 -10.36 1.03
CA LEU A 166 25.42 -11.02 2.22
C LEU A 166 26.39 -10.93 3.37
N GLY A 167 26.74 -9.71 3.74
CA GLY A 167 27.79 -9.49 4.71
C GLY A 167 27.32 -8.67 5.88
N MET A 168 28.23 -7.89 6.46
CA MET A 168 27.95 -7.23 7.73
C MET A 168 26.79 -6.23 7.65
N SER A 169 26.63 -5.51 6.53
CA SER A 169 25.52 -4.56 6.46
C SER A 169 24.17 -5.26 6.46
N PHE A 170 24.06 -6.37 5.72
CA PHE A 170 22.84 -7.18 5.75
C PHE A 170 22.57 -7.70 7.15
N ASP A 171 23.62 -8.20 7.81
CA ASP A 171 23.48 -8.70 9.17
C ASP A 171 22.97 -7.62 10.10
N LYS A 172 23.51 -6.40 9.97
CA LYS A 172 23.05 -5.30 10.80
C LYS A 172 21.57 -5.02 10.57
N ALA A 173 21.15 -5.01 9.31
CA ALA A 173 19.73 -4.78 9.03
C ALA A 173 18.86 -5.86 9.65
N LEU A 174 19.27 -7.13 9.54
CA LEU A 174 18.47 -8.22 10.10
C LEU A 174 18.36 -8.10 11.62
N ASN A 175 19.41 -7.64 12.30
CA ASN A 175 19.36 -7.46 13.74
C ASN A 175 18.60 -6.22 14.15
N GLY A 176 18.05 -5.47 13.19
CA GLY A 176 17.21 -4.32 13.52
C GLY A 176 15.86 -4.65 14.13
N ASP A 177 15.36 -5.87 13.94
CA ASP A 177 14.11 -6.28 14.57
C ASP A 177 14.29 -7.71 15.06
N LEU A 178 14.45 -7.85 16.37
CA LEU A 178 14.58 -9.15 17.02
C LEU A 178 13.33 -9.50 17.84
N SER A 179 12.28 -8.70 17.74
CA SER A 179 11.04 -8.97 18.46
C SER A 179 9.99 -9.44 17.42
N ASP A 180 8.80 -8.84 17.36
CA ASP A 180 7.78 -9.52 16.55
C ASP A 180 7.90 -9.23 15.07
N GLY A 181 8.90 -8.46 14.62
CA GLY A 181 9.21 -8.42 13.21
C GLY A 181 10.41 -9.25 12.80
N ARG A 182 10.90 -10.13 13.66
CA ARG A 182 12.12 -10.85 13.36
C ARG A 182 11.92 -11.76 12.15
N LEU A 183 12.87 -11.70 11.23
CA LEU A 183 12.81 -12.54 10.06
C LEU A 183 13.44 -13.89 10.40
N ASP A 184 12.79 -14.96 9.96
CA ASP A 184 13.28 -16.31 10.22
C ASP A 184 14.22 -16.80 9.13
N MET A 185 14.00 -16.38 7.90
CA MET A 185 14.77 -16.89 6.78
C MET A 185 14.49 -16.01 5.58
N GLY A 186 15.34 -16.12 4.58
CA GLY A 186 15.11 -15.40 3.34
C GLY A 186 16.07 -15.89 2.30
N CYS A 187 15.88 -15.39 1.09
CA CYS A 187 16.66 -15.84 -0.05
C CYS A 187 17.00 -14.63 -0.91
N VAL A 188 18.29 -14.55 -1.30
CA VAL A 188 18.76 -13.63 -2.32
C VAL A 188 19.21 -14.50 -3.48
N ALA A 189 18.40 -14.57 -4.53
CA ALA A 189 18.57 -15.65 -5.50
C ALA A 189 19.94 -15.62 -6.16
N SER A 190 20.50 -14.43 -6.36
CA SER A 190 21.80 -14.33 -7.04
C SER A 190 22.99 -14.62 -6.13
N HIS A 191 22.77 -14.80 -4.83
CA HIS A 191 23.87 -14.88 -3.88
C HIS A 191 23.79 -15.94 -2.80
N GLY A 192 22.65 -16.20 -2.19
CA GLY A 192 22.63 -17.11 -1.06
C GLY A 192 21.33 -17.01 -0.30
N HIS A 193 21.33 -17.51 0.93
CA HIS A 193 20.13 -17.43 1.75
C HIS A 193 20.56 -17.19 3.19
N PHE A 194 19.59 -16.81 4.03
CA PHE A 194 19.90 -16.53 5.42
C PHE A 194 18.83 -17.18 6.29
N TYR A 195 19.19 -17.41 7.55
CA TYR A 195 18.21 -17.89 8.52
C TYR A 195 18.64 -17.47 9.92
N PHE A 196 17.64 -17.33 10.80
CA PHE A 196 17.90 -17.10 12.21
C PHE A 196 18.22 -18.42 12.89
N ASN A 197 19.38 -18.47 13.54
CA ASN A 197 19.83 -19.64 14.28
C ASN A 197 19.39 -19.45 15.74
N ASN A 198 18.38 -20.21 16.15
CA ASN A 198 17.81 -20.01 17.49
C ASN A 198 18.78 -20.46 18.58
N ILE A 199 19.58 -21.48 18.29
CA ILE A 199 20.53 -21.99 19.29
C ILE A 199 21.56 -20.93 19.62
N ASP A 200 22.18 -20.34 18.59
CA ASP A 200 23.18 -19.31 18.78
C ASP A 200 22.59 -17.91 18.88
N SER A 201 21.28 -17.77 18.66
CA SER A 201 20.61 -16.47 18.65
C SER A 201 21.34 -15.47 17.75
N LYS A 202 21.62 -15.90 16.53
CA LYS A 202 22.27 -15.04 15.56
C LYS A 202 21.78 -15.43 14.17
N PHE A 203 21.91 -14.50 13.23
CA PHE A 203 21.63 -14.81 11.83
C PHE A 203 22.83 -15.47 11.17
N ASN A 204 22.54 -16.44 10.30
CA ASN A 204 23.54 -17.16 9.53
C ASN A 204 23.29 -16.93 8.05
N PHE A 205 24.35 -16.76 7.29
CA PHE A 205 24.29 -16.65 5.84
C PHE A 205 24.94 -17.88 5.23
N GLU A 206 24.31 -18.42 4.19
CA GLU A 206 24.88 -19.49 3.39
C GLU A 206 25.05 -18.97 1.98
N HIS A 207 26.26 -19.04 1.46
CA HIS A 207 26.58 -18.47 0.16
C HIS A 207 26.52 -19.54 -0.92
N GLY A 208 25.95 -19.16 -2.06
CA GLY A 208 25.78 -20.05 -3.18
C GLY A 208 25.08 -21.32 -2.80
N ASN A 209 25.59 -22.42 -3.34
CA ASN A 209 25.06 -23.75 -3.07
C ASN A 209 23.55 -23.78 -3.29
N LYS A 210 23.13 -23.34 -4.48
CA LYS A 210 21.75 -23.39 -4.98
C LYS A 210 20.79 -22.62 -4.07
N PRO A 211 20.92 -21.29 -4.01
CA PRO A 211 20.19 -20.55 -2.97
C PRO A 211 18.69 -20.76 -2.91
N ALA A 212 17.96 -20.76 -4.04
CA ALA A 212 16.52 -20.92 -3.94
C ALA A 212 16.15 -22.31 -3.42
N THR A 213 16.90 -23.33 -3.85
CA THR A 213 16.60 -24.67 -3.39
C THR A 213 16.91 -24.81 -1.91
N ALA A 214 18.01 -24.18 -1.49
CA ALA A 214 18.38 -24.22 -0.08
C ALA A 214 17.33 -23.56 0.78
N PHE A 215 16.82 -22.40 0.33
CA PHE A 215 15.73 -21.71 1.01
C PHE A 215 14.48 -22.59 1.06
N LEU A 216 14.11 -23.18 -0.08
CA LEU A 216 12.95 -24.07 -0.13
C LEU A 216 13.05 -25.16 0.92
N PHE A 217 14.20 -25.84 1.00
CA PHE A 217 14.36 -26.93 1.95
C PHE A 217 14.29 -26.42 3.39
N ARG A 218 14.95 -25.29 3.67
CA ARG A 218 14.87 -24.71 5.01
CA ARG A 218 14.87 -24.71 5.01
C ARG A 218 13.44 -24.42 5.40
N LEU A 219 12.65 -23.89 4.46
CA LEU A 219 11.25 -23.58 4.72
C LEU A 219 10.44 -24.85 5.01
N ILE A 220 10.61 -25.88 4.18
CA ILE A 220 9.90 -27.14 4.43
C ILE A 220 10.25 -27.68 5.80
N ALA A 221 11.55 -27.73 6.14
CA ALA A 221 11.94 -28.33 7.40
C ALA A 221 11.40 -27.53 8.57
N GLN A 222 11.42 -26.20 8.46
CA GLN A 222 10.96 -25.39 9.58
C GLN A 222 9.45 -25.47 9.71
N LEU A 223 8.75 -25.48 8.57
CA LEU A 223 7.30 -25.59 8.62
C LEU A 223 6.88 -26.90 9.28
N GLN A 224 7.63 -27.98 9.10
CA GLN A 224 7.19 -29.24 9.69
C GLN A 224 7.01 -29.12 11.20
N PHE A 225 7.81 -28.28 11.87
CA PHE A 225 7.67 -28.13 13.31
C PHE A 225 6.34 -27.48 13.71
N SER A 226 5.73 -26.70 12.82
CA SER A 226 4.46 -26.04 13.14
C SER A 226 3.29 -27.02 13.11
N GLY A 227 3.46 -28.19 12.51
CA GLY A 227 2.29 -29.03 12.31
C GLY A 227 1.21 -28.31 11.54
N THR A 228 -0.05 -28.62 11.86
CA THR A 228 -1.17 -27.96 11.23
C THR A 228 -1.60 -26.76 12.06
N VAL A 229 -2.21 -25.80 11.38
CA VAL A 229 -2.75 -24.62 12.04
C VAL A 229 -3.68 -25.00 13.19
N PRO A 230 -3.79 -24.17 14.22
CA PRO A 230 -4.82 -24.39 15.24
C PRO A 230 -6.21 -24.34 14.63
N MET A 231 -7.16 -24.91 15.35
CA MET A 231 -8.52 -24.96 14.84
C MET A 231 -9.24 -23.63 15.08
N ILE A 232 -9.64 -23.01 13.99
CA ILE A 232 -10.26 -21.70 14.01
C ILE A 232 -11.63 -21.74 14.70
N ASP A 233 -11.92 -20.68 15.44
CA ASP A 233 -13.26 -20.44 15.97
C ASP A 233 -13.99 -19.50 15.03
N ILE A 234 -14.75 -20.07 14.09
CA ILE A 234 -15.39 -19.23 13.09
C ILE A 234 -16.50 -18.39 13.73
N ASP A 235 -17.05 -18.82 14.86
CA ASP A 235 -18.05 -18.01 15.52
C ASP A 235 -17.48 -16.75 16.14
N ALA A 236 -16.16 -16.69 16.38
CA ALA A 236 -15.56 -15.42 16.76
C ALA A 236 -15.68 -14.40 15.63
N TYR A 237 -15.44 -14.83 14.40
CA TYR A 237 -15.69 -13.96 13.25
C TYR A 237 -17.18 -13.66 13.11
N GLY A 238 -18.03 -14.62 13.45
CA GLY A 238 -19.47 -14.45 13.36
C GLY A 238 -20.02 -13.35 14.24
N LYS A 239 -19.24 -12.89 15.22
CA LYS A 239 -19.74 -11.76 16.02
C LYS A 239 -19.97 -10.53 15.17
N TRP A 240 -19.33 -10.46 13.99
CA TRP A 240 -19.45 -9.32 13.10
C TRP A 240 -20.67 -9.43 12.16
N LEU A 241 -21.44 -10.50 12.25
CA LEU A 241 -22.66 -10.62 11.45
C LEU A 241 -23.74 -9.65 11.90
N ALA A 242 -23.81 -9.37 13.20
CA ALA A 242 -24.89 -8.52 13.74
C ALA A 242 -24.62 -7.02 13.51
N SER B 4 -25.68 27.79 19.29
CA SER B 4 -25.90 29.23 19.25
C SER B 4 -27.17 29.55 20.03
N ASP B 5 -27.63 28.54 20.75
CA ASP B 5 -27.63 28.61 22.21
C ASP B 5 -26.21 28.25 22.61
N TRP B 6 -25.60 29.04 23.51
CA TRP B 6 -24.19 28.84 23.79
C TRP B 6 -23.90 27.40 24.17
N SER B 7 -22.82 26.85 23.63
CA SER B 7 -22.45 25.47 23.92
C SER B 7 -20.95 25.31 23.98
N LEU B 8 -20.48 24.90 25.15
CA LEU B 8 -19.07 24.62 25.33
C LEU B 8 -18.63 23.49 24.42
N SER B 9 -19.43 22.42 24.31
N SER B 9 -19.43 22.42 24.30
CA SER B 9 -19.07 21.31 23.42
CA SER B 9 -19.05 21.32 23.42
C SER B 9 -18.93 21.78 21.98
C SER B 9 -18.93 21.78 21.98
N GLN B 10 -19.79 22.70 21.55
CA GLN B 10 -19.69 23.19 20.18
C GLN B 10 -18.38 23.95 19.95
N LEU B 11 -17.95 24.76 20.93
CA LEU B 11 -16.66 25.45 20.78
C LEU B 11 -15.53 24.44 20.55
N PHE B 12 -15.52 23.36 21.32
CA PHE B 12 -14.45 22.38 21.20
C PHE B 12 -14.56 21.60 19.91
N ALA B 13 -15.78 21.37 19.41
CA ALA B 13 -15.95 20.72 18.12
C ALA B 13 -15.45 21.61 17.00
N SER B 14 -15.77 22.91 17.07
CA SER B 14 -15.33 23.82 16.03
C SER B 14 -13.81 24.00 16.04
N LEU B 15 -13.19 23.98 17.22
CA LEU B 15 -11.73 24.04 17.30
C LEU B 15 -11.13 22.84 16.60
N HIS B 16 -11.66 21.64 16.91
CA HIS B 16 -11.16 20.44 16.27
C HIS B 16 -11.43 20.43 14.76
N GLU B 17 -12.66 20.80 14.35
CA GLU B 17 -13.02 20.68 12.94
C GLU B 17 -12.10 21.55 12.06
N ASP B 18 -11.69 22.70 12.59
CA ASP B 18 -10.77 23.60 11.90
C ASP B 18 -9.44 22.90 11.65
N ILE B 19 -8.90 22.26 12.69
CA ILE B 19 -7.64 21.53 12.55
C ILE B 19 -7.80 20.41 11.55
N GLN B 20 -8.87 19.62 11.68
CA GLN B 20 -9.04 18.47 10.81
C GLN B 20 -9.17 18.89 9.35
N LEU B 21 -9.92 19.95 9.06
CA LEU B 21 -10.00 20.39 7.67
C LEU B 21 -8.67 20.91 7.17
N ARG B 22 -7.96 21.72 7.98
CA ARG B 22 -6.71 22.31 7.51
C ARG B 22 -5.65 21.24 7.26
N LEU B 23 -5.59 20.22 8.12
CA LEU B 23 -4.67 19.13 7.87
C LEU B 23 -5.06 18.38 6.60
N GLY B 24 -6.36 18.18 6.38
CA GLY B 24 -6.77 17.47 5.19
C GLY B 24 -6.46 18.27 3.94
N THR B 25 -6.59 19.60 4.03
CA THR B 25 -6.25 20.48 2.92
C THR B 25 -4.75 20.44 2.62
N ALA B 26 -3.93 20.51 3.65
CA ALA B 26 -2.49 20.44 3.45
C ALA B 26 -2.14 19.19 2.66
N ARG B 27 -2.73 18.05 3.04
CA ARG B 27 -2.41 16.78 2.40
C ARG B 27 -2.91 16.71 0.96
N LYS B 28 -4.10 17.25 0.69
CA LYS B 28 -4.68 17.14 -0.65
C LYS B 28 -4.19 18.24 -1.60
N ALA B 29 -3.89 19.43 -1.09
CA ALA B 29 -3.60 20.56 -1.97
C ALA B 29 -2.17 20.59 -2.49
N PHE B 30 -1.19 20.14 -1.69
CA PHE B 30 0.22 20.31 -2.04
C PHE B 30 0.82 18.97 -2.43
N GLN B 31 1.18 18.82 -3.71
CA GLN B 31 1.83 17.59 -4.17
C GLN B 31 3.27 17.52 -3.65
N HIS B 32 3.97 18.64 -3.69
CA HIS B 32 5.35 18.75 -3.24
C HIS B 32 5.50 18.27 -1.81
N PRO B 33 6.34 17.25 -1.54
CA PRO B 33 6.42 16.73 -0.17
C PRO B 33 6.85 17.77 0.86
N GLY B 34 7.81 18.62 0.48
CA GLY B 34 8.27 19.65 1.40
C GLY B 34 7.17 20.64 1.76
N ALA B 35 6.47 21.14 0.75
CA ALA B 35 5.39 22.09 0.99
C ALA B 35 4.26 21.45 1.78
N LYS B 36 3.95 20.18 1.48
CA LYS B 36 2.91 19.49 2.20
C LYS B 36 3.26 19.36 3.69
N GLY B 37 4.51 19.01 3.98
CA GLY B 37 4.93 18.91 5.37
C GLY B 37 4.96 20.25 6.06
N ASP B 38 5.41 21.29 5.35
CA ASP B 38 5.45 22.62 5.97
C ASP B 38 4.04 23.07 6.31
N ALA B 39 3.11 22.84 5.38
CA ALA B 39 1.72 23.24 5.59
C ALA B 39 1.12 22.52 6.79
N SER B 40 1.29 21.19 6.86
CA SER B 40 0.68 20.40 7.94
C SER B 40 1.29 20.76 9.30
N GLU B 41 2.62 20.81 9.35
CA GLU B 41 3.29 21.18 10.59
C GLU B 41 2.82 22.55 11.06
N GLY B 42 2.61 23.47 10.14
CA GLY B 42 2.14 24.79 10.48
C GLY B 42 0.76 24.81 11.11
N VAL B 43 -0.09 23.84 10.74
CA VAL B 43 -1.42 23.76 11.34
C VAL B 43 -1.32 23.46 12.82
N TRP B 44 -0.48 22.47 13.18
CA TRP B 44 -0.33 22.14 14.60
C TRP B 44 0.36 23.26 15.37
N ILE B 45 1.37 23.87 14.78
CA ILE B 45 2.06 24.95 15.44
C ILE B 45 1.09 26.09 15.72
N GLU B 46 0.23 26.41 14.74
CA GLU B 46 -0.73 27.48 14.96
C GLU B 46 -1.70 27.15 16.07
N MET B 47 -2.14 25.90 16.15
CA MET B 47 -3.06 25.57 17.24
C MET B 47 -2.39 25.83 18.58
N LEU B 48 -1.15 25.40 18.73
CA LEU B 48 -0.48 25.55 20.00
C LEU B 48 -0.14 27.00 20.28
N ASP B 49 0.26 27.74 19.25
CA ASP B 49 0.56 29.16 19.45
C ASP B 49 -0.69 29.93 19.86
N THR B 50 -1.84 29.55 19.30
CA THR B 50 -3.06 30.25 19.62
C THR B 50 -3.54 29.94 21.03
N TYR B 51 -3.51 28.66 21.42
CA TYR B 51 -4.21 28.22 22.62
C TYR B 51 -3.34 27.95 23.83
N LEU B 52 -2.08 27.53 23.67
CA LEU B 52 -1.30 27.27 24.87
C LEU B 52 -1.13 28.56 25.67
N PRO B 53 -1.04 28.45 27.01
CA PRO B 53 -0.57 29.58 27.80
C PRO B 53 0.71 30.18 27.23
N LYS B 54 0.84 31.50 27.37
CA LYS B 54 1.93 32.25 26.76
C LYS B 54 3.29 31.95 27.38
N ARG B 55 3.32 31.24 28.52
CA ARG B 55 4.61 30.79 29.03
C ARG B 55 5.25 29.78 28.08
N TYR B 56 4.49 29.24 27.13
CA TYR B 56 5.01 28.29 26.15
C TYR B 56 5.12 28.94 24.78
N GLN B 57 6.24 28.67 24.12
CA GLN B 57 6.47 28.96 22.70
C GLN B 57 6.30 27.65 21.96
N ALA B 58 5.79 27.73 20.74
CA ALA B 58 5.71 26.57 19.86
C ALA B 58 6.25 26.91 18.49
N ALA B 59 7.22 26.13 18.01
CA ALA B 59 7.84 26.39 16.72
C ALA B 59 8.66 25.19 16.27
N ASN B 60 8.99 25.18 14.99
CA ASN B 60 10.00 24.28 14.45
C ASN B 60 11.38 24.79 14.87
N ALA B 61 12.26 23.90 15.32
CA ALA B 61 13.56 24.35 15.83
C ALA B 61 14.52 23.18 15.89
N PHE B 62 15.80 23.52 15.91
CA PHE B 62 16.86 22.62 16.32
C PHE B 62 17.10 22.82 17.80
N VAL B 63 17.50 21.74 18.48
CA VAL B 63 17.85 21.78 19.90
C VAL B 63 19.33 21.46 20.01
N VAL B 64 20.04 22.22 20.85
CA VAL B 64 21.45 21.99 21.08
C VAL B 64 21.71 21.99 22.59
N ASP B 65 22.79 21.31 23.00
CA ASP B 65 23.19 21.37 24.40
C ASP B 65 24.60 21.93 24.54
N SER B 66 24.99 22.14 25.79
CA SER B 66 26.26 22.78 26.11
C SER B 66 27.45 21.86 25.87
N LEU B 67 27.21 20.61 25.52
CA LEU B 67 28.27 19.72 25.11
C LEU B 67 28.49 19.79 23.61
N GLY B 68 27.73 20.63 22.92
CA GLY B 68 27.87 20.77 21.50
C GLY B 68 27.14 19.76 20.68
N ASN B 69 26.21 19.02 21.28
CA ASN B 69 25.41 18.03 20.57
C ASN B 69 24.11 18.66 20.07
N PHE B 70 23.75 18.33 18.82
CA PHE B 70 22.57 18.89 18.17
C PHE B 70 21.55 17.79 17.88
N SER B 71 20.28 18.11 18.08
CA SER B 71 19.22 17.26 17.58
C SER B 71 19.09 17.44 16.07
N ASP B 72 18.28 16.57 15.45
CA ASP B 72 17.79 16.82 14.10
C ASP B 72 16.74 17.92 14.18
N GLN B 73 16.23 18.34 13.03
CA GLN B 73 15.17 19.35 13.04
C GLN B 73 13.95 18.76 13.69
N ILE B 74 13.38 19.48 14.66
CA ILE B 74 12.19 19.02 15.35
C ILE B 74 10.99 19.78 14.80
N ASN B 75 9.99 19.02 14.32
CA ASN B 75 8.84 19.63 13.66
C ASN B 75 8.13 20.60 14.58
N VAL B 76 7.85 20.18 15.81
CA VAL B 76 7.11 20.99 16.77
C VAL B 76 7.83 20.90 18.10
N VAL B 77 8.43 22.00 18.53
CA VAL B 77 9.05 22.11 19.84
C VAL B 77 8.21 23.08 20.68
N VAL B 78 7.92 22.69 21.90
CA VAL B 78 7.30 23.57 22.89
C VAL B 78 8.41 23.92 23.88
N PHE B 79 8.70 25.22 24.04
CA PHE B 79 9.87 25.63 24.78
C PHE B 79 9.61 26.96 25.49
N ASP B 80 10.51 27.24 26.44
CA ASP B 80 10.49 28.49 27.20
C ASP B 80 11.31 29.56 26.50
N ARG B 81 10.80 30.78 26.51
CA ARG B 81 11.61 31.95 26.22
C ARG B 81 11.56 33.01 27.31
N GLN B 82 10.77 32.82 28.36
CA GLN B 82 10.69 33.85 29.40
C GLN B 82 11.99 33.91 30.19
N TYR B 83 12.66 32.76 30.32
CA TYR B 83 13.84 32.59 31.16
C TYR B 83 15.02 32.03 30.38
N SER B 84 14.89 31.89 29.06
CA SER B 84 15.86 31.18 28.25
C SER B 84 16.19 32.02 27.02
N PRO B 85 17.46 32.18 26.69
CA PRO B 85 17.82 32.79 25.41
C PRO B 85 17.63 31.81 24.26
N PHE B 86 17.61 32.34 23.04
CA PHE B 86 17.94 31.51 21.88
C PHE B 86 19.44 31.28 21.90
N ILE B 87 19.88 30.13 21.37
CA ILE B 87 21.32 29.99 21.10
C ILE B 87 21.68 30.64 19.78
N PHE B 88 20.79 30.57 18.79
CA PHE B 88 21.04 31.21 17.49
C PHE B 88 19.70 31.42 16.81
N LYS B 89 19.56 32.57 16.17
CA LYS B 89 18.38 32.87 15.36
C LYS B 89 18.86 33.53 14.08
N PHE B 90 18.36 33.05 12.94
CA PHE B 90 18.72 33.58 11.62
C PHE B 90 17.41 33.61 10.85
N ASN B 91 16.84 34.81 10.70
CA ASN B 91 15.51 34.93 10.09
C ASN B 91 14.58 33.96 10.82
N GLU B 92 13.96 33.00 10.14
CA GLU B 92 12.98 32.17 10.84
C GLU B 92 13.57 30.87 11.38
N GLN B 93 14.88 30.67 11.24
CA GLN B 93 15.53 29.46 11.71
C GLN B 93 16.01 29.71 13.12
N ILE B 94 15.63 28.84 14.06
CA ILE B 94 15.99 29.03 15.45
C ILE B 94 16.62 27.75 16.02
N ILE B 95 17.60 27.96 16.89
CA ILE B 95 18.27 26.91 17.62
C ILE B 95 18.10 27.24 19.10
N VAL B 96 17.44 26.34 19.82
CA VAL B 96 17.11 26.57 21.22
C VAL B 96 17.98 25.70 22.11
N PRO B 97 18.32 26.15 23.30
CA PRO B 97 19.06 25.29 24.24
C PRO B 97 18.16 24.19 24.80
N ALA B 98 18.78 23.01 25.07
CA ALA B 98 18.00 21.89 25.56
C ALA B 98 17.25 22.24 26.84
N GLU B 99 17.84 23.12 27.67
CA GLU B 99 17.23 23.52 28.93
C GLU B 99 15.88 24.20 28.74
N SER B 100 15.62 24.78 27.57
CA SER B 100 14.37 25.48 27.35
C SER B 100 13.22 24.54 26.96
N VAL B 101 13.47 23.26 26.73
CA VAL B 101 12.46 22.42 26.06
C VAL B 101 11.48 21.82 27.05
N TYR B 102 10.19 21.95 26.74
CA TYR B 102 9.10 21.29 27.48
C TYR B 102 8.59 20.02 26.79
N ALA B 103 8.56 20.00 25.46
CA ALA B 103 7.93 18.92 24.72
C ALA B 103 8.41 18.95 23.28
N VAL B 104 8.44 17.78 22.64
CA VAL B 104 8.76 17.68 21.22
C VAL B 104 7.80 16.72 20.55
N PHE B 105 7.40 17.08 19.33
CA PHE B 105 6.46 16.29 18.54
C PHE B 105 6.96 16.14 17.12
N GLU B 106 6.73 14.96 16.56
CA GLU B 106 6.89 14.69 15.15
C GLU B 106 5.50 14.82 14.54
N ALA B 107 5.40 15.55 13.42
CA ALA B 107 4.13 15.77 12.74
C ALA B 107 4.25 15.29 11.30
N LYS B 108 3.42 14.32 10.92
CA LYS B 108 3.45 13.72 9.59
C LYS B 108 2.02 13.41 9.19
N GLN B 109 1.83 12.92 7.97
CA GLN B 109 0.46 12.76 7.47
C GLN B 109 -0.25 11.57 8.10
N SER B 110 0.42 10.42 8.19
CA SER B 110 -0.28 9.21 8.61
C SER B 110 0.56 8.37 9.54
N ALA B 111 -0.05 7.92 10.64
CA ALA B 111 0.64 7.05 11.58
C ALA B 111 0.92 5.71 10.94
N SER B 112 2.10 5.17 11.22
CA SER B 112 2.54 3.87 10.74
C SER B 112 3.56 3.33 11.72
N ALA B 113 3.87 2.04 11.59
CA ALA B 113 4.91 1.47 12.45
C ALA B 113 6.24 2.17 12.23
N ASP B 114 6.58 2.47 10.98
CA ASP B 114 7.84 3.15 10.69
C ASP B 114 7.89 4.52 11.37
N LEU B 115 6.79 5.27 11.29
CA LEU B 115 6.77 6.63 11.83
C LEU B 115 6.78 6.64 13.34
N VAL B 116 6.03 5.72 13.97
CA VAL B 116 6.05 5.66 15.43
C VAL B 116 7.48 5.41 15.92
N ALA B 117 8.19 4.46 15.30
CA ALA B 117 9.56 4.16 15.73
C ALA B 117 10.50 5.35 15.51
N TYR B 118 10.36 6.01 14.36
CA TYR B 118 11.13 7.22 14.08
C TYR B 118 10.88 8.28 15.12
N ALA B 119 9.60 8.53 15.47
CA ALA B 119 9.29 9.51 16.50
C ALA B 119 9.92 9.13 17.82
N GLN B 120 9.89 7.84 18.18
CA GLN B 120 10.50 7.40 19.42
C GLN B 120 12.00 7.70 19.43
N ARG B 121 12.69 7.38 18.32
CA ARG B 121 14.13 7.66 18.26
C ARG B 121 14.40 9.16 18.37
N LYS B 122 13.59 9.97 17.72
CA LYS B 122 13.84 11.41 17.74
C LYS B 122 13.59 12.00 19.12
N VAL B 123 12.53 11.59 19.80
CA VAL B 123 12.30 12.00 21.17
C VAL B 123 13.45 11.56 22.08
N ALA B 124 13.93 10.32 21.89
CA ALA B 124 15.05 9.86 22.71
C ALA B 124 16.25 10.75 22.51
N SER B 125 16.49 11.18 21.26
CA SER B 125 17.67 11.99 20.99
C SER B 125 17.61 13.31 21.73
N VAL B 126 16.42 13.90 21.84
CA VAL B 126 16.30 15.16 22.58
C VAL B 126 16.49 14.92 24.07
N ARG B 127 15.88 13.84 24.60
CA ARG B 127 16.03 13.56 26.02
C ARG B 127 17.47 13.21 26.38
N ARG B 128 18.24 12.72 25.43
CA ARG B 128 19.63 12.39 25.73
C ARG B 128 20.55 13.61 25.74
N LEU B 129 20.08 14.76 25.28
CA LEU B 129 20.89 15.97 25.35
C LEU B 129 21.08 16.36 26.82
N HIS B 130 22.22 16.97 27.10
CA HIS B 130 22.53 17.38 28.46
C HIS B 130 21.86 18.70 28.80
N ARG B 131 21.21 18.75 29.97
CA ARG B 131 20.60 19.98 30.46
C ARG B 131 21.23 20.39 31.79
N THR B 132 21.69 21.63 31.84
CA THR B 132 22.19 22.22 33.06
C THR B 132 21.02 22.74 33.91
N SER B 133 21.31 23.01 35.18
CA SER B 133 20.31 23.50 36.12
C SER B 133 21.03 24.16 37.29
N LEU B 134 20.78 25.45 37.50
CA LEU B 134 21.43 26.24 38.54
C LEU B 134 20.43 26.58 39.63
N PRO B 135 20.90 26.81 40.85
CA PRO B 135 20.01 27.37 41.89
C PRO B 135 19.35 28.64 41.38
N ILE B 136 18.08 28.85 41.75
CA ILE B 136 17.20 29.82 41.11
C ILE B 136 16.95 30.99 42.06
N PRO B 137 17.46 32.18 41.76
CA PRO B 137 17.11 33.37 42.57
C PRO B 137 15.71 33.83 42.30
N HIS B 138 15.01 34.22 43.37
CA HIS B 138 13.64 34.69 43.26
C HIS B 138 13.34 35.60 44.44
N ALA B 139 12.10 36.09 44.49
CA ALA B 139 11.82 37.11 45.48
C ALA B 139 11.93 36.55 46.90
N GLY B 140 11.81 35.24 47.06
CA GLY B 140 11.86 34.61 48.36
C GLY B 140 13.21 34.03 48.74
N GLY B 141 14.24 34.26 47.94
CA GLY B 141 15.54 33.70 48.23
C GLY B 141 16.14 33.01 47.02
N THR B 142 16.59 31.78 47.22
CA THR B 142 17.21 31.00 46.15
C THR B 142 16.72 29.56 46.29
N TYR B 143 16.03 29.07 45.29
CA TYR B 143 15.63 27.68 45.28
C TYR B 143 16.84 26.81 44.97
N PRO B 144 16.85 25.56 45.39
CA PRO B 144 17.87 24.64 44.88
C PRO B 144 17.69 24.50 43.37
N ALA B 145 18.76 24.06 42.71
CA ALA B 145 18.67 23.74 41.29
C ALA B 145 17.49 22.79 41.07
N LYS B 146 16.62 23.15 40.15
CA LYS B 146 15.44 22.35 39.94
C LYS B 146 15.81 21.02 39.30
N PRO B 147 15.32 19.90 39.83
CA PRO B 147 15.53 18.63 39.14
C PRO B 147 15.00 18.71 37.72
N LEU B 148 15.70 18.07 36.79
CA LEU B 148 15.32 18.23 35.38
C LEU B 148 13.89 17.78 35.14
N ILE B 149 13.13 18.60 34.41
CA ILE B 149 11.73 18.30 34.14
C ILE B 149 11.67 17.22 33.07
N PRO B 150 10.62 16.41 33.02
CA PRO B 150 10.48 15.50 31.88
C PRO B 150 10.29 16.32 30.62
N ILE B 151 10.83 15.83 29.49
CA ILE B 151 10.49 16.39 28.18
C ILE B 151 9.42 15.48 27.58
N LEU B 152 8.24 16.03 27.38
CA LEU B 152 7.15 15.25 26.82
C LEU B 152 7.39 15.01 25.33
N GLY B 153 7.05 13.83 24.86
CA GLY B 153 7.23 13.49 23.47
C GLY B 153 5.95 12.97 22.85
N GLY B 154 5.83 13.15 21.55
CA GLY B 154 4.64 12.62 20.91
C GLY B 154 4.68 12.66 19.40
N LEU B 155 3.53 12.32 18.83
CA LEU B 155 3.32 12.14 17.41
C LEU B 155 1.97 12.74 17.05
N LEU B 156 1.96 13.54 16.00
CA LEU B 156 0.75 14.22 15.51
C LEU B 156 0.56 13.86 14.05
N THR B 157 -0.60 13.32 13.71
CA THR B 157 -0.85 12.96 12.33
C THR B 157 -2.28 13.29 11.97
N PHE B 158 -2.56 13.25 10.66
CA PHE B 158 -3.91 13.43 10.16
C PHE B 158 -4.68 12.11 10.13
N GLU B 159 -4.02 11.05 9.65
CA GLU B 159 -4.63 9.75 9.40
C GLU B 159 -3.77 8.66 10.03
N SER B 160 -4.20 7.43 9.83
CA SER B 160 -3.47 6.25 10.28
C SER B 160 -3.46 5.21 9.17
N ASP B 161 -2.31 4.57 9.00
CA ASP B 161 -2.18 3.47 8.06
C ASP B 161 -2.76 2.17 8.59
N TRP B 162 -3.02 2.09 9.88
CA TRP B 162 -3.55 0.88 10.47
C TRP B 162 -5.05 0.78 10.29
N SER B 163 -5.52 -0.45 10.14
CA SER B 163 -6.95 -0.76 10.18
C SER B 163 -7.20 -1.78 11.28
N PRO B 164 -7.93 -1.45 12.36
CA PRO B 164 -8.51 -0.13 12.65
C PRO B 164 -7.43 0.89 12.99
N ALA B 165 -7.82 2.17 12.92
CA ALA B 165 -6.85 3.25 13.03
C ALA B 165 -6.17 3.26 14.37
N LEU B 166 -6.92 3.09 15.46
CA LEU B 166 -6.44 3.19 16.82
C LEU B 166 -6.73 1.89 17.54
N GLY B 167 -5.91 0.88 17.28
CA GLY B 167 -6.21 -0.45 17.78
C GLY B 167 -4.99 -1.18 18.28
N MET B 168 -5.10 -2.51 18.34
CA MET B 168 -4.09 -3.34 18.97
C MET B 168 -2.72 -3.14 18.35
N SER B 169 -2.65 -3.07 17.02
CA SER B 169 -1.34 -2.98 16.37
C SER B 169 -0.67 -1.63 16.63
N PHE B 170 -1.43 -0.54 16.63
CA PHE B 170 -0.88 0.76 16.99
C PHE B 170 -0.42 0.73 18.43
N ASP B 171 -1.20 0.13 19.32
CA ASP B 171 -0.78 0.01 20.70
C ASP B 171 0.54 -0.75 20.83
N LYS B 172 0.71 -1.84 20.08
CA LYS B 172 1.96 -2.60 20.17
C LYS B 172 3.14 -1.77 19.65
N ALA B 173 2.93 -1.00 18.59
CA ALA B 173 3.97 -0.09 18.12
C ALA B 173 4.36 0.89 19.20
N LEU B 174 3.36 1.48 19.88
CA LEU B 174 3.68 2.44 20.93
C LEU B 174 4.47 1.80 22.06
N ASN B 175 4.20 0.52 22.34
CA ASN B 175 4.92 -0.19 23.38
C ASN B 175 6.33 -0.58 22.96
N GLY B 176 6.74 -0.23 21.74
CA GLY B 176 8.09 -0.51 21.27
C GLY B 176 9.19 0.23 22.00
N ASP B 177 8.88 1.37 22.62
CA ASP B 177 9.86 2.09 23.43
C ASP B 177 9.15 2.64 24.66
N LEU B 178 9.48 2.09 25.81
CA LEU B 178 8.91 2.51 27.07
C LEU B 178 9.91 3.23 27.95
N SER B 179 11.10 3.53 27.42
CA SER B 179 12.10 4.25 28.19
C SER B 179 12.41 5.55 27.47
N ASP B 180 13.65 5.76 27.00
CA ASP B 180 14.09 7.08 26.54
C ASP B 180 13.25 7.60 25.40
N GLY B 181 12.66 6.72 24.59
CA GLY B 181 11.89 7.18 23.45
C GLY B 181 10.39 7.09 23.64
N ARG B 182 9.94 6.94 24.88
CA ARG B 182 8.51 6.76 25.14
C ARG B 182 7.74 7.98 24.68
N LEU B 183 6.68 7.75 23.90
CA LEU B 183 5.77 8.81 23.49
C LEU B 183 4.72 8.99 24.58
N ASP B 184 4.60 10.20 25.10
CA ASP B 184 3.63 10.46 26.15
C ASP B 184 2.22 10.67 25.65
N MET B 185 2.05 11.23 24.45
CA MET B 185 0.73 11.52 23.96
C MET B 185 0.83 11.79 22.46
N GLY B 186 -0.31 11.76 21.80
CA GLY B 186 -0.32 12.10 20.38
C GLY B 186 -1.74 12.22 19.92
N CYS B 187 -1.88 12.58 18.65
CA CYS B 187 -3.19 12.82 18.06
C CYS B 187 -3.20 12.29 16.65
N VAL B 188 -4.27 11.59 16.31
CA VAL B 188 -4.56 11.21 14.94
C VAL B 188 -5.85 11.95 14.60
N ALA B 189 -5.73 13.06 13.88
CA ALA B 189 -6.81 14.04 13.86
C ALA B 189 -8.11 13.44 13.35
N SER B 190 -8.04 12.49 12.42
CA SER B 190 -9.23 11.89 11.83
C SER B 190 -9.87 10.83 12.73
N HIS B 191 -9.24 10.45 13.84
CA HIS B 191 -9.72 9.30 14.61
C HIS B 191 -9.74 9.44 16.13
N GLY B 192 -8.76 10.13 16.74
CA GLY B 192 -8.71 10.12 18.20
C GLY B 192 -7.35 10.56 18.69
N HIS B 193 -7.10 10.28 19.96
CA HIS B 193 -5.81 10.66 20.52
C HIS B 193 -5.37 9.57 21.48
N PHE B 194 -4.10 9.59 21.85
CA PHE B 194 -3.57 8.56 22.75
C PHE B 194 -2.73 9.24 23.81
N TYR B 195 -2.58 8.56 24.94
CA TYR B 195 -1.66 9.04 25.96
C TYR B 195 -1.16 7.86 26.77
N PHE B 196 0.01 8.05 27.36
CA PHE B 196 0.58 7.06 28.27
C PHE B 196 0.01 7.32 29.65
N ASN B 197 -0.64 6.30 30.21
CA ASN B 197 -1.15 6.35 31.57
C ASN B 197 -0.08 5.81 32.51
N ASN B 198 0.50 6.70 33.31
CA ASN B 198 1.62 6.34 34.18
C ASN B 198 1.20 5.41 35.31
N ILE B 199 -0.01 5.58 35.83
CA ILE B 199 -0.48 4.74 36.93
C ILE B 199 -0.55 3.28 36.48
N ASP B 200 -1.16 3.03 35.33
CA ASP B 200 -1.32 1.67 34.82
C ASP B 200 -0.15 1.22 33.96
N SER B 201 0.77 2.11 33.62
CA SER B 201 1.90 1.81 32.74
C SER B 201 1.41 1.23 31.41
N LYS B 202 0.39 1.86 30.83
CA LYS B 202 -0.12 1.42 29.55
C LYS B 202 -0.58 2.63 28.75
N PHE B 203 -0.66 2.44 27.43
CA PHE B 203 -1.24 3.47 26.59
C PHE B 203 -2.74 3.34 26.61
N ASN B 204 -3.41 4.49 26.56
CA ASN B 204 -4.86 4.60 26.45
C ASN B 204 -5.17 5.32 25.15
N PHE B 205 -6.23 4.87 24.47
CA PHE B 205 -6.76 5.52 23.27
C PHE B 205 -8.11 6.14 23.61
N GLU B 206 -8.36 7.32 23.08
CA GLU B 206 -9.67 7.94 23.15
C GLU B 206 -10.15 8.17 21.73
N HIS B 207 -11.31 7.62 21.40
CA HIS B 207 -11.81 7.67 20.04
C HIS B 207 -12.74 8.86 19.84
N GLY B 208 -12.55 9.55 18.73
CA GLY B 208 -13.38 10.70 18.39
C GLY B 208 -13.36 11.75 19.46
N ASN B 209 -14.53 12.31 19.75
CA ASN B 209 -14.69 13.29 20.82
C ASN B 209 -13.65 14.40 20.73
N LYS B 210 -13.63 15.05 19.56
CA LYS B 210 -12.84 16.26 19.28
C LYS B 210 -11.34 16.02 19.48
N PRO B 211 -10.75 15.14 18.68
CA PRO B 211 -9.39 14.68 18.96
C PRO B 211 -8.34 15.78 19.15
N ALA B 212 -8.30 16.79 18.29
CA ALA B 212 -7.26 17.81 18.44
C ALA B 212 -7.45 18.60 19.72
N THR B 213 -8.70 18.90 20.08
CA THR B 213 -8.94 19.61 21.31
C THR B 213 -8.60 18.77 22.53
N ALA B 214 -8.93 17.47 22.48
CA ALA B 214 -8.60 16.58 23.58
C ALA B 214 -7.09 16.47 23.75
N PHE B 215 -6.35 16.37 22.65
CA PHE B 215 -4.89 16.40 22.71
C PHE B 215 -4.39 17.72 23.32
N LEU B 216 -4.92 18.85 22.87
CA LEU B 216 -4.51 20.14 23.42
C LEU B 216 -4.69 20.18 24.94
N PHE B 217 -5.85 19.72 25.41
CA PHE B 217 -6.11 19.79 26.84
C PHE B 217 -5.20 18.84 27.60
N ARG B 218 -4.96 17.64 27.05
CA ARG B 218 -4.03 16.73 27.71
C ARG B 218 -2.65 17.36 27.83
N LEU B 219 -2.21 18.05 26.79
CA LEU B 219 -0.90 18.67 26.80
C LEU B 219 -0.83 19.78 27.84
N ILE B 220 -1.85 20.63 27.88
CA ILE B 220 -1.87 21.69 28.88
C ILE B 220 -1.81 21.11 30.30
N ALA B 221 -2.65 20.10 30.58
CA ALA B 221 -2.69 19.54 31.93
C ALA B 221 -1.38 18.86 32.28
N GLN B 222 -0.78 18.13 31.35
CA GLN B 222 0.48 17.48 31.67
C GLN B 222 1.60 18.48 31.84
N LEU B 223 1.66 19.50 30.98
CA LEU B 223 2.69 20.52 31.12
C LEU B 223 2.61 21.22 32.48
N GLN B 224 1.41 21.39 33.05
CA GLN B 224 1.36 22.09 34.33
C GLN B 224 2.22 21.43 35.38
N PHE B 225 2.32 20.09 35.36
CA PHE B 225 3.13 19.39 36.36
C PHE B 225 4.61 19.74 36.24
N SER B 226 5.08 20.10 35.04
CA SER B 226 6.48 20.41 34.84
C SER B 226 6.87 21.74 35.44
N GLY B 227 5.92 22.63 35.66
CA GLY B 227 6.29 23.97 36.07
C GLY B 227 7.12 24.65 35.01
N THR B 228 8.03 25.49 35.44
CA THR B 228 8.91 26.19 34.50
C THR B 228 10.21 25.41 34.34
N VAL B 229 10.84 25.58 33.18
CA VAL B 229 12.14 24.95 32.91
C VAL B 229 13.15 25.27 34.01
N PRO B 230 14.12 24.38 34.25
CA PRO B 230 15.21 24.70 35.15
C PRO B 230 16.01 25.88 34.65
N MET B 231 16.77 26.49 35.56
CA MET B 231 17.51 27.68 35.19
C MET B 231 18.81 27.31 34.49
N ILE B 232 18.95 27.80 33.27
CA ILE B 232 20.06 27.45 32.40
C ILE B 232 21.37 28.04 32.91
N ASP B 233 22.45 27.31 32.74
CA ASP B 233 23.81 27.81 32.97
C ASP B 233 24.38 28.26 31.63
N ILE B 234 24.21 29.54 31.33
CA ILE B 234 24.66 30.01 30.02
C ILE B 234 26.18 29.96 29.94
N ASP B 235 26.89 29.98 31.08
CA ASP B 235 28.34 29.91 31.02
C ASP B 235 28.83 28.53 30.60
N ALA B 236 27.99 27.50 30.71
CA ALA B 236 28.36 26.20 30.14
C ALA B 236 28.42 26.30 28.63
N TYR B 237 27.47 27.00 28.02
CA TYR B 237 27.57 27.30 26.60
C TYR B 237 28.76 28.19 26.32
N GLY B 238 29.05 29.13 27.23
CA GLY B 238 30.14 30.07 27.04
C GLY B 238 31.50 29.44 26.97
N LYS B 239 31.63 28.17 27.37
CA LYS B 239 32.91 27.52 27.22
C LYS B 239 33.34 27.42 25.77
N TRP B 240 32.40 27.51 24.84
CA TRP B 240 32.68 27.43 23.42
C TRP B 240 33.08 28.77 22.82
N LEU B 241 33.11 29.84 23.61
CA LEU B 241 33.55 31.14 23.12
C LEU B 241 35.05 31.17 22.93
N ALA B 242 35.78 30.71 23.93
CA ALA B 242 37.25 30.78 23.94
C ALA B 242 37.80 29.39 24.21
N ASN B 243 37.70 28.51 23.22
CA ASN B 243 38.14 27.11 23.39
C ASN B 243 39.32 26.74 22.48
N SER C 1 -44.18 -20.30 -7.47
CA SER C 1 -45.27 -20.87 -8.32
C SER C 1 -44.63 -21.67 -9.45
N ASN C 2 -45.46 -22.38 -10.21
CA ASN C 2 -44.98 -23.22 -11.30
C ASN C 2 -45.06 -22.54 -12.66
N ALA C 3 -45.42 -21.25 -12.71
CA ALA C 3 -45.52 -20.55 -13.97
C ALA C 3 -44.16 -20.48 -14.66
N SER C 4 -44.17 -20.60 -15.98
CA SER C 4 -42.95 -20.47 -16.77
C SER C 4 -43.28 -19.62 -17.99
N ASP C 5 -42.71 -18.43 -18.05
CA ASP C 5 -42.87 -17.56 -19.23
C ASP C 5 -41.55 -16.85 -19.45
N TRP C 6 -40.75 -17.39 -20.39
CA TRP C 6 -39.44 -16.85 -20.68
C TRP C 6 -39.50 -15.38 -21.11
N SER C 7 -38.52 -14.62 -20.65
CA SER C 7 -38.41 -13.19 -20.96
C SER C 7 -36.99 -12.85 -21.41
N LEU C 8 -36.87 -12.33 -22.62
CA LEU C 8 -35.57 -11.86 -23.10
C LEU C 8 -35.14 -10.61 -22.34
N SER C 9 -36.08 -9.69 -22.07
N SER C 9 -36.07 -9.70 -22.07
CA SER C 9 -35.73 -8.50 -21.30
CA SER C 9 -35.71 -8.50 -21.32
C SER C 9 -35.13 -8.86 -19.95
C SER C 9 -35.13 -8.85 -19.95
N GLN C 10 -35.68 -9.89 -19.28
CA GLN C 10 -35.16 -10.27 -17.98
C GLN C 10 -33.71 -10.75 -18.08
N LEU C 11 -33.35 -11.44 -19.14
CA LEU C 11 -31.97 -11.87 -19.30
C LEU C 11 -31.03 -10.67 -19.31
N PHE C 12 -31.42 -9.63 -20.04
CA PHE C 12 -30.57 -8.44 -20.15
C PHE C 12 -30.53 -7.65 -18.85
N ALA C 13 -31.62 -7.65 -18.09
CA ALA C 13 -31.62 -7.06 -16.76
C ALA C 13 -30.65 -7.79 -15.84
N SER C 14 -30.71 -9.12 -15.83
CA SER C 14 -29.85 -9.91 -14.95
C SER C 14 -28.38 -9.80 -15.33
N LEU C 15 -28.10 -9.71 -16.62
CA LEU C 15 -26.71 -9.48 -17.05
C LEU C 15 -26.19 -8.17 -16.46
N HIS C 16 -26.97 -7.10 -16.60
CA HIS C 16 -26.54 -5.81 -16.10
C HIS C 16 -26.45 -5.80 -14.58
N GLU C 17 -27.47 -6.35 -13.90
CA GLU C 17 -27.50 -6.29 -12.44
C GLU C 17 -26.30 -6.97 -11.82
N ASP C 18 -25.88 -8.10 -12.39
CA ASP C 18 -24.67 -8.79 -11.96
C ASP C 18 -23.46 -7.85 -12.01
N ILE C 19 -23.30 -7.14 -13.13
CA ILE C 19 -22.16 -6.23 -13.27
C ILE C 19 -22.26 -5.12 -12.25
N GLN C 20 -23.44 -4.50 -12.13
CA GLN C 20 -23.57 -3.38 -11.20
C GLN C 20 -23.29 -3.81 -9.77
N LEU C 21 -23.82 -4.96 -9.34
CA LEU C 21 -23.60 -5.41 -7.97
C LEU C 21 -22.12 -5.73 -7.72
N ARG C 22 -21.47 -6.42 -8.66
CA ARG C 22 -20.07 -6.81 -8.44
C ARG C 22 -19.14 -5.61 -8.46
N LEU C 23 -19.41 -4.63 -9.32
CA LEU C 23 -18.61 -3.39 -9.26
C LEU C 23 -18.84 -2.66 -7.94
N GLY C 24 -20.07 -2.63 -7.46
CA GLY C 24 -20.34 -2.01 -6.18
C GLY C 24 -19.62 -2.72 -5.04
N THR C 25 -19.58 -4.05 -5.11
CA THR C 25 -18.89 -4.83 -4.11
C THR C 25 -17.39 -4.55 -4.13
N ALA C 26 -16.82 -4.51 -5.34
CA ALA C 26 -15.39 -4.24 -5.45
C ALA C 26 -15.06 -2.92 -4.75
N ARG C 27 -15.91 -1.92 -4.96
CA ARG C 27 -15.65 -0.61 -4.38
C ARG C 27 -15.80 -0.60 -2.86
N LYS C 28 -16.80 -1.32 -2.33
CA LYS C 28 -17.11 -1.27 -0.90
C LYS C 28 -16.22 -2.20 -0.09
N ALA C 29 -15.90 -3.36 -0.64
CA ALA C 29 -15.24 -4.39 0.17
C ALA C 29 -13.74 -4.18 0.28
N PHE C 30 -13.09 -3.69 -0.76
CA PHE C 30 -11.63 -3.59 -0.78
C PHE C 30 -11.20 -2.15 -0.48
N GLN C 31 -10.59 -1.93 0.67
CA GLN C 31 -10.21 -0.60 1.11
C GLN C 31 -8.75 -0.29 0.75
N HIS C 32 -8.12 -1.11 -0.02
CA HIS C 32 -6.79 -0.98 -0.57
C HIS C 32 -6.93 -0.54 -2.01
N PRO C 33 -6.32 0.55 -2.45
CA PRO C 33 -6.60 1.02 -3.83
C PRO C 33 -6.21 0.03 -4.90
N GLY C 34 -5.08 -0.66 -4.73
CA GLY C 34 -4.67 -1.64 -5.73
C GLY C 34 -5.65 -2.80 -5.85
N ALA C 35 -6.03 -3.38 -4.72
CA ALA C 35 -7.00 -4.47 -4.72
C ALA C 35 -8.35 -4.02 -5.26
N LYS C 36 -8.78 -2.81 -4.90
CA LYS C 36 -10.07 -2.32 -5.38
C LYS C 36 -10.09 -2.19 -6.90
N GLY C 37 -9.03 -1.61 -7.47
CA GLY C 37 -8.95 -1.50 -8.91
C GLY C 37 -8.83 -2.85 -9.60
N ASP C 38 -8.03 -3.75 -9.03
CA ASP C 38 -7.90 -5.08 -9.62
C ASP C 38 -9.24 -5.79 -9.61
N ALA C 39 -9.98 -5.67 -8.52
CA ALA C 39 -11.28 -6.30 -8.42
C ALA C 39 -12.24 -5.74 -9.47
N SER C 40 -12.32 -4.40 -9.59
CA SER C 40 -13.25 -3.79 -10.55
C SER C 40 -12.87 -4.09 -11.98
N GLU C 41 -11.58 -3.93 -12.32
CA GLU C 41 -11.12 -4.26 -13.66
C GLU C 41 -11.51 -5.69 -14.03
N GLY C 42 -11.37 -6.61 -13.08
CA GLY C 42 -11.68 -8.00 -13.36
C GLY C 42 -13.14 -8.24 -13.69
N VAL C 43 -14.04 -7.45 -13.11
CA VAL C 43 -15.47 -7.55 -13.43
C VAL C 43 -15.71 -7.22 -14.90
N TRP C 44 -15.13 -6.11 -15.38
CA TRP C 44 -15.33 -5.73 -16.76
C TRP C 44 -14.69 -6.74 -17.70
N ILE C 45 -13.49 -7.21 -17.37
CA ILE C 45 -12.82 -8.19 -18.21
C ILE C 45 -13.66 -9.45 -18.30
N GLU C 46 -14.21 -9.89 -17.16
CA GLU C 46 -15.02 -11.11 -17.20
C GLU C 46 -16.25 -10.93 -18.08
N MET C 47 -16.87 -9.75 -18.05
CA MET C 47 -18.02 -9.55 -18.91
C MET C 47 -17.65 -9.70 -20.38
N LEU C 48 -16.55 -9.06 -20.78
CA LEU C 48 -16.15 -9.16 -22.16
C LEU C 48 -15.70 -10.57 -22.52
N ASP C 49 -14.97 -11.22 -21.62
CA ASP C 49 -14.53 -12.59 -21.88
C ASP C 49 -15.70 -13.54 -22.02
N THR C 50 -16.74 -13.34 -21.22
CA THR C 50 -17.89 -14.22 -21.26
C THR C 50 -18.69 -14.02 -22.55
N TYR C 51 -18.94 -12.75 -22.91
CA TYR C 51 -19.96 -12.45 -23.92
C TYR C 51 -19.42 -12.06 -25.29
N LEU C 52 -18.25 -11.47 -25.40
CA LEU C 52 -17.77 -11.15 -26.73
C LEU C 52 -17.59 -12.42 -27.57
N PRO C 53 -17.84 -12.34 -28.88
CA PRO C 53 -17.43 -13.42 -29.77
C PRO C 53 -15.98 -13.81 -29.52
N LYS C 54 -15.68 -15.10 -29.72
CA LYS C 54 -14.37 -15.62 -29.38
C LYS C 54 -13.24 -15.13 -30.30
N ARG C 55 -13.56 -14.46 -31.40
CA ARG C 55 -12.53 -13.80 -32.19
C ARG C 55 -11.83 -12.71 -31.40
N TYR C 56 -12.42 -12.27 -30.30
CA TYR C 56 -11.87 -11.24 -29.44
C TYR C 56 -11.33 -11.83 -28.15
N GLN C 57 -10.14 -11.38 -27.76
CA GLN C 57 -9.59 -11.61 -26.43
C GLN C 57 -9.72 -10.32 -25.64
N ALA C 58 -9.90 -10.45 -24.33
CA ALA C 58 -9.98 -9.29 -23.44
C ALA C 58 -9.09 -9.54 -22.23
N ALA C 59 -8.18 -8.60 -21.96
CA ALA C 59 -7.21 -8.76 -20.89
C ALA C 59 -6.52 -7.44 -20.63
N ASN C 60 -5.89 -7.36 -19.47
CA ASN C 60 -4.93 -6.31 -19.14
C ASN C 60 -3.62 -6.56 -19.88
N ALA C 61 -3.03 -5.51 -20.48
CA ALA C 61 -1.78 -5.70 -21.21
C ALA C 61 -1.07 -4.40 -21.47
N PHE C 62 0.18 -4.52 -21.89
CA PHE C 62 0.93 -3.47 -22.56
C PHE C 62 0.90 -3.75 -24.05
N VAL C 63 0.91 -2.67 -24.83
CA VAL C 63 0.94 -2.74 -26.28
C VAL C 63 2.29 -2.20 -26.75
N VAL C 64 2.88 -2.84 -27.74
CA VAL C 64 4.17 -2.41 -28.28
C VAL C 64 4.08 -2.42 -29.80
N ASP C 65 4.92 -1.62 -30.45
CA ASP C 65 4.96 -1.58 -31.91
C ASP C 65 6.36 -1.91 -32.40
N SER C 66 6.46 -2.06 -33.74
CA SER C 66 7.69 -2.49 -34.39
C SER C 66 8.72 -1.40 -34.45
N LEU C 67 8.39 -0.20 -34.01
CA LEU C 67 9.36 0.87 -33.80
C LEU C 67 9.93 0.86 -32.38
N GLY C 68 9.50 -0.09 -31.56
CA GLY C 68 10.00 -0.21 -30.19
C GLY C 68 9.32 0.69 -29.20
N ASN C 69 8.20 1.30 -29.56
CA ASN C 69 7.47 2.16 -28.65
C ASN C 69 6.39 1.37 -27.94
N PHE C 70 6.15 1.74 -26.69
CA PHE C 70 5.23 1.03 -25.81
C PHE C 70 4.09 1.96 -25.36
N SER C 71 2.90 1.38 -25.21
CA SER C 71 1.81 2.07 -24.57
C SER C 71 2.01 2.13 -23.06
N ASP C 72 1.14 2.88 -22.40
CA ASP C 72 0.98 2.74 -20.96
C ASP C 72 0.31 1.39 -20.64
N GLN C 73 0.23 1.05 -19.36
CA GLN C 73 -0.51 -0.16 -18.97
C GLN C 73 -1.98 0.06 -19.27
N ILE C 74 -2.58 -0.84 -20.02
CA ILE C 74 -3.97 -0.72 -20.44
C ILE C 74 -4.80 -1.70 -19.63
N ASN C 75 -5.79 -1.17 -18.90
CA ASN C 75 -6.64 -1.96 -18.03
C ASN C 75 -7.40 -3.05 -18.79
N VAL C 76 -8.01 -2.70 -19.93
CA VAL C 76 -8.83 -3.62 -20.70
C VAL C 76 -8.47 -3.42 -22.16
N VAL C 77 -7.76 -4.39 -22.74
CA VAL C 77 -7.46 -4.42 -24.15
C VAL C 77 -8.30 -5.51 -24.77
N VAL C 78 -8.95 -5.19 -25.89
CA VAL C 78 -9.62 -6.16 -26.74
C VAL C 78 -8.73 -6.37 -27.95
N PHE C 79 -8.33 -7.61 -28.21
CA PHE C 79 -7.30 -7.85 -29.22
C PHE C 79 -7.50 -9.21 -29.88
N ASP C 80 -6.83 -9.36 -31.02
CA ASP C 80 -6.82 -10.62 -31.75
C ASP C 80 -5.68 -11.52 -31.27
N ARG C 81 -5.99 -12.81 -31.20
CA ARG C 81 -4.97 -13.85 -31.11
C ARG C 81 -5.09 -14.93 -32.18
N GLN C 82 -6.13 -14.91 -33.02
CA GLN C 82 -6.29 -15.93 -34.04
C GLN C 82 -5.21 -15.81 -35.11
N TYR C 83 -4.78 -14.57 -35.37
CA TYR C 83 -3.86 -14.25 -36.45
C TYR C 83 -2.63 -13.51 -35.98
N SER C 84 -2.48 -13.34 -34.67
CA SER C 84 -1.48 -12.46 -34.12
C SER C 84 -0.74 -13.19 -33.00
N PRO C 85 0.58 -13.12 -32.97
CA PRO C 85 1.33 -13.66 -31.82
C PRO C 85 1.26 -12.71 -30.64
N PHE C 86 1.60 -13.24 -29.47
CA PHE C 86 2.08 -12.36 -28.41
C PHE C 86 3.49 -11.88 -28.77
N ILE C 87 3.84 -10.68 -28.31
CA ILE C 87 5.25 -10.27 -28.39
C ILE C 87 6.01 -10.83 -27.20
N PHE C 88 5.38 -10.91 -26.04
CA PHE C 88 6.04 -11.47 -24.86
C PHE C 88 4.95 -11.91 -23.89
N LYS C 89 5.15 -13.08 -23.28
CA LYS C 89 4.24 -13.58 -22.27
C LYS C 89 5.09 -14.17 -21.15
N PHE C 90 4.81 -13.78 -19.93
CA PHE C 90 5.56 -14.23 -18.76
C PHE C 90 4.53 -14.54 -17.70
N ASN C 91 4.32 -15.84 -17.42
CA ASN C 91 3.20 -16.28 -16.59
C ASN C 91 1.95 -15.61 -17.13
N GLU C 92 1.20 -14.85 -16.35
CA GLU C 92 -0.06 -14.34 -16.92
C GLU C 92 0.10 -12.96 -17.54
N GLN C 93 1.29 -12.38 -17.49
CA GLN C 93 1.50 -11.03 -17.99
C GLN C 93 1.84 -11.06 -19.47
N ILE C 94 1.17 -10.19 -20.23
CA ILE C 94 1.27 -10.21 -21.69
C ILE C 94 1.60 -8.83 -22.27
N ILE C 95 2.36 -8.85 -23.36
CA ILE C 95 2.64 -7.69 -24.19
C ILE C 95 2.18 -8.04 -25.59
N VAL C 96 1.26 -7.25 -26.13
CA VAL C 96 0.66 -7.57 -27.41
C VAL C 96 1.15 -6.60 -28.48
N PRO C 97 1.23 -7.02 -29.75
CA PRO C 97 1.60 -6.09 -30.80
C PRO C 97 0.45 -5.16 -31.14
N ALA C 98 0.81 -3.93 -31.52
CA ALA C 98 -0.21 -2.93 -31.82
C ALA C 98 -1.20 -3.41 -32.88
N GLU C 99 -0.71 -4.20 -33.84
CA GLU C 99 -1.53 -4.71 -34.93
C GLU C 99 -2.67 -5.61 -34.44
N SER C 100 -2.56 -6.16 -33.24
CA SER C 100 -3.61 -7.04 -32.73
C SER C 100 -4.77 -6.30 -32.07
N VAL C 101 -4.68 -5.00 -31.88
CA VAL C 101 -5.61 -4.33 -30.98
C VAL C 101 -6.87 -3.87 -31.73
N TYR C 102 -8.02 -4.17 -31.13
CA TYR C 102 -9.33 -3.69 -31.58
C TYR C 102 -9.85 -2.52 -30.76
N ALA C 103 -9.61 -2.53 -29.45
CA ALA C 103 -10.21 -1.54 -28.57
C ALA C 103 -9.41 -1.49 -27.28
N VAL C 104 -9.43 -0.33 -26.63
CA VAL C 104 -8.76 -0.17 -25.35
C VAL C 104 -9.64 0.66 -24.43
N PHE C 105 -9.74 0.22 -23.17
CA PHE C 105 -10.57 0.89 -22.18
C PHE C 105 -9.78 1.11 -20.90
N GLU C 106 -10.08 2.23 -20.25
CA GLU C 106 -9.66 2.54 -18.90
C GLU C 106 -10.83 2.23 -17.97
N ALA C 107 -10.59 1.50 -16.88
CA ALA C 107 -11.62 1.13 -15.92
C ALA C 107 -11.29 1.73 -14.56
N LYS C 108 -12.20 2.55 -14.03
CA LYS C 108 -11.99 3.26 -12.79
C LYS C 108 -13.30 3.32 -12.03
N GLN C 109 -13.27 3.87 -10.81
CA GLN C 109 -14.49 3.83 -10.00
C GLN C 109 -15.52 4.86 -10.43
N SER C 110 -15.13 6.10 -10.67
CA SER C 110 -16.12 7.16 -10.90
C SER C 110 -15.64 8.17 -11.93
N ALA C 111 -16.53 8.51 -12.86
CA ALA C 111 -16.22 9.44 -13.93
C ALA C 111 -16.00 10.84 -13.36
N SER C 112 -14.98 11.52 -13.90
CA SER C 112 -14.65 12.89 -13.55
C SER C 112 -13.84 13.47 -14.69
N ALA C 113 -13.67 14.80 -14.66
CA ALA C 113 -12.84 15.44 -15.67
C ALA C 113 -11.44 14.87 -15.69
N ASP C 114 -10.84 14.66 -14.51
CA ASP C 114 -9.49 14.12 -14.42
C ASP C 114 -9.42 12.70 -14.99
N LEU C 115 -10.43 11.87 -14.69
CA LEU C 115 -10.40 10.50 -15.17
C LEU C 115 -10.65 10.43 -16.68
N VAL C 116 -11.57 11.25 -17.18
CA VAL C 116 -11.77 11.30 -18.62
C VAL C 116 -10.46 11.67 -19.32
N ALA C 117 -9.74 12.67 -18.81
CA ALA C 117 -8.49 13.08 -19.43
C ALA C 117 -7.43 11.99 -19.33
N TYR C 118 -7.38 11.29 -18.19
CA TYR C 118 -6.46 10.17 -18.03
C TYR C 118 -6.74 9.10 -19.09
N ALA C 119 -8.02 8.77 -19.28
CA ALA C 119 -8.41 7.76 -20.26
C ALA C 119 -8.04 8.21 -21.67
N GLN C 120 -8.27 9.47 -21.98
CA GLN C 120 -7.88 10.01 -23.28
C GLN C 120 -6.38 9.85 -23.48
N ARG C 121 -5.58 10.08 -22.45
CA ARG C 121 -4.13 9.89 -22.58
C ARG C 121 -3.78 8.42 -22.79
N LYS C 122 -4.42 7.50 -22.07
CA LYS C 122 -4.14 6.08 -22.28
C LYS C 122 -4.46 5.67 -23.71
N VAL C 123 -5.65 6.06 -24.21
CA VAL C 123 -6.04 5.71 -25.57
C VAL C 123 -5.07 6.28 -26.56
N ALA C 124 -4.63 7.52 -26.35
CA ALA C 124 -3.68 8.11 -27.26
C ALA C 124 -2.37 7.35 -27.27
N SER C 125 -1.95 6.80 -26.13
CA SER C 125 -0.68 6.10 -26.06
C SER C 125 -0.71 4.83 -26.91
N VAL C 126 -1.90 4.33 -27.21
CA VAL C 126 -2.07 3.19 -28.10
C VAL C 126 -2.24 3.62 -29.54
N ARG C 127 -3.06 4.65 -29.80
CA ARG C 127 -3.32 5.02 -31.17
C ARG C 127 -2.11 5.61 -31.86
N ARG C 128 -1.16 6.19 -31.09
N ARG C 128 -1.15 6.16 -31.11
CA ARG C 128 0.07 6.73 -31.66
CA ARG C 128 0.03 6.72 -31.76
C ARG C 128 1.01 5.66 -32.17
C ARG C 128 1.06 5.66 -32.11
N LEU C 129 0.83 4.42 -31.73
CA LEU C 129 1.74 3.35 -32.12
C LEU C 129 1.58 3.04 -33.60
N HIS C 130 2.68 2.58 -34.19
CA HIS C 130 2.71 2.23 -35.60
C HIS C 130 2.16 0.83 -35.81
N ARG C 131 1.28 0.66 -36.80
CA ARG C 131 0.77 -0.66 -37.13
C ARG C 131 1.14 -1.00 -38.57
N THR C 132 1.74 -2.18 -38.74
CA THR C 132 2.03 -2.70 -40.06
C THR C 132 0.79 -3.37 -40.65
N SER C 133 0.84 -3.62 -41.96
CA SER C 133 -0.24 -4.29 -42.64
C SER C 133 0.26 -4.84 -43.96
N LEU C 134 0.19 -6.20 -44.10
CA LEU C 134 0.66 -6.87 -45.29
C LEU C 134 -0.49 -7.41 -46.15
N PRO C 135 -0.27 -7.60 -47.45
CA PRO C 135 -1.27 -8.29 -48.27
C PRO C 135 -1.60 -9.65 -47.64
N ILE C 136 -2.87 -10.06 -47.74
CA ILE C 136 -3.38 -11.12 -46.89
C ILE C 136 -3.66 -12.36 -47.75
N PRO C 137 -2.89 -13.45 -47.61
CA PRO C 137 -3.22 -14.70 -48.32
C PRO C 137 -4.47 -15.35 -47.73
N HIS C 138 -5.34 -15.83 -48.61
CA HIS C 138 -6.56 -16.51 -48.19
C HIS C 138 -6.96 -17.52 -49.26
N ALA C 139 -8.07 -18.22 -49.04
CA ALA C 139 -8.42 -19.30 -49.96
C ALA C 139 -8.69 -18.81 -51.37
N GLY C 140 -9.08 -17.56 -51.53
CA GLY C 140 -9.40 -17.00 -52.83
C GLY C 140 -8.28 -16.20 -53.47
N GLY C 141 -7.10 -16.19 -52.89
CA GLY C 141 -5.99 -15.43 -53.47
C GLY C 141 -5.28 -14.61 -52.42
N THR C 142 -5.08 -13.33 -52.71
CA THR C 142 -4.37 -12.43 -51.82
C THR C 142 -5.10 -11.09 -51.82
N TYR C 143 -5.62 -10.71 -50.66
CA TYR C 143 -6.22 -9.39 -50.54
C TYR C 143 -5.13 -8.33 -50.51
N PRO C 144 -5.44 -7.10 -50.91
CA PRO C 144 -4.51 -6.02 -50.63
C PRO C 144 -4.33 -5.87 -49.13
N ALA C 145 -3.25 -5.22 -48.74
CA ALA C 145 -3.04 -4.91 -47.33
C ALA C 145 -4.27 -4.17 -46.79
N LYS C 146 -4.83 -4.66 -45.71
CA LYS C 146 -6.05 -4.03 -45.20
C LYS C 146 -5.76 -2.63 -44.65
N PRO C 147 -6.54 -1.61 -45.03
CA PRO C 147 -6.37 -0.30 -44.41
C PRO C 147 -6.55 -0.41 -42.91
N LEU C 148 -5.76 0.37 -42.16
CA LEU C 148 -5.72 0.20 -40.71
C LEU C 148 -7.10 0.46 -40.12
N ILE C 149 -7.54 -0.45 -39.26
CA ILE C 149 -8.85 -0.36 -38.64
C ILE C 149 -8.80 0.70 -37.54
N PRO C 150 -9.90 1.37 -37.24
CA PRO C 150 -9.90 2.26 -36.07
C PRO C 150 -9.71 1.44 -34.81
N ILE C 151 -8.94 1.96 -33.84
CA ILE C 151 -8.91 1.36 -32.51
C ILE C 151 -9.95 2.10 -31.68
N LEU C 152 -10.91 1.36 -31.14
CA LEU C 152 -11.95 1.98 -30.33
C LEU C 152 -11.37 2.25 -28.96
N GLY C 153 -11.73 3.40 -28.38
CA GLY C 153 -11.28 3.75 -27.04
C GLY C 153 -12.46 4.07 -26.16
N GLY C 154 -12.26 3.89 -24.85
CA GLY C 154 -13.37 4.21 -23.97
C GLY C 154 -13.01 4.21 -22.50
N LEU C 155 -14.05 4.41 -21.70
CA LEU C 155 -13.94 4.57 -20.25
C LEU C 155 -15.07 3.78 -19.61
N LEU C 156 -14.75 2.98 -18.60
CA LEU C 156 -15.70 2.13 -17.91
C LEU C 156 -15.66 2.50 -16.44
N THR C 157 -16.81 2.91 -15.89
CA THR C 157 -16.84 3.25 -14.47
C THR C 157 -18.09 2.68 -13.80
N PHE C 158 -18.08 2.75 -12.46
CA PHE C 158 -19.23 2.36 -11.66
C PHE C 158 -20.18 3.54 -11.44
N GLU C 159 -19.61 4.71 -11.15
CA GLU C 159 -20.34 5.89 -10.74
C GLU C 159 -19.87 7.10 -11.55
N SER C 160 -20.51 8.21 -11.27
CA SER C 160 -20.15 9.51 -11.82
C SER C 160 -20.03 10.50 -10.68
N ASP C 161 -18.98 11.32 -10.72
CA ASP C 161 -18.83 12.39 -9.75
C ASP C 161 -19.75 13.57 -10.05
N TRP C 162 -20.30 13.68 -11.25
CA TRP C 162 -21.10 14.82 -11.61
C TRP C 162 -22.57 14.61 -11.25
N SER C 163 -23.27 15.73 -11.04
CA SER C 163 -24.71 15.74 -10.81
C SER C 163 -25.32 16.76 -11.76
N PRO C 164 -26.13 16.35 -12.75
CA PRO C 164 -26.50 14.99 -13.16
C PRO C 164 -25.29 14.17 -13.58
N ALA C 165 -25.43 12.84 -13.49
CA ALA C 165 -24.29 11.95 -13.71
C ALA C 165 -23.73 12.07 -15.13
N LEU C 166 -24.60 12.19 -16.12
CA LEU C 166 -24.21 12.19 -17.52
C LEU C 166 -24.66 13.51 -18.16
N GLY C 167 -24.09 14.63 -17.70
CA GLY C 167 -24.55 15.94 -18.08
C GLY C 167 -23.53 16.71 -18.88
N MET C 168 -23.71 18.03 -18.92
CA MET C 168 -22.90 18.87 -19.78
C MET C 168 -21.45 18.84 -19.38
N SER C 169 -21.15 18.64 -18.10
CA SER C 169 -19.74 18.61 -17.67
C SER C 169 -19.05 17.35 -18.19
N PHE C 170 -19.75 16.22 -18.19
CA PHE C 170 -19.22 15.00 -18.81
C PHE C 170 -19.02 15.21 -20.31
N ASP C 171 -20.00 15.83 -20.97
CA ASP C 171 -19.87 16.14 -22.39
C ASP C 171 -18.66 17.04 -22.64
N LYS C 172 -18.49 18.07 -21.81
CA LYS C 172 -17.33 18.94 -21.96
C LYS C 172 -16.03 18.15 -21.87
N ALA C 173 -15.93 17.25 -20.88
CA ALA C 173 -14.71 16.47 -20.71
C ALA C 173 -14.47 15.61 -21.95
N LEU C 174 -15.50 14.94 -22.44
CA LEU C 174 -15.35 14.09 -23.62
C LEU C 174 -14.89 14.90 -24.84
N ASN C 175 -15.35 16.14 -24.97
CA ASN C 175 -14.94 16.96 -26.10
C ASN C 175 -13.53 17.52 -25.94
N GLY C 176 -12.88 17.26 -24.81
CA GLY C 176 -11.51 17.70 -24.62
C GLY C 176 -10.51 17.08 -25.59
N ASP C 177 -10.74 15.85 -26.03
CA ASP C 177 -9.84 15.20 -26.99
C ASP C 177 -10.68 14.53 -28.06
N LEU C 178 -10.65 15.09 -29.27
CA LEU C 178 -11.38 14.55 -30.40
C LEU C 178 -10.45 13.94 -31.44
N SER C 179 -9.18 13.70 -31.11
CA SER C 179 -8.23 13.12 -32.05
C SER C 179 -7.63 11.82 -31.50
N ASP C 180 -6.34 11.79 -31.19
CA ASP C 180 -5.70 10.54 -30.81
C ASP C 180 -6.31 9.96 -29.53
N GLY C 181 -6.82 10.80 -28.65
CA GLY C 181 -7.37 10.35 -27.39
C GLY C 181 -8.87 10.26 -27.34
N ARG C 182 -9.56 10.37 -28.47
CA ARG C 182 -11.02 10.39 -28.46
C ARG C 182 -11.59 9.08 -27.91
N LEU C 183 -12.55 9.21 -27.00
CA LEU C 183 -13.25 8.08 -26.41
C LEU C 183 -14.52 7.80 -27.22
N ASP C 184 -14.56 6.64 -27.88
CA ASP C 184 -15.69 6.29 -28.74
C ASP C 184 -16.90 5.85 -27.96
N MET C 185 -16.72 5.31 -26.76
CA MET C 185 -17.86 4.78 -26.04
C MET C 185 -17.43 4.52 -24.60
N GLY C 186 -18.41 4.37 -23.74
CA GLY C 186 -18.09 4.08 -22.35
C GLY C 186 -19.36 3.77 -21.59
N CYS C 187 -19.16 3.34 -20.35
CA CYS C 187 -20.28 2.92 -19.53
C CYS C 187 -20.08 3.43 -18.11
N VAL C 188 -21.13 4.00 -17.54
CA VAL C 188 -21.22 4.32 -16.13
C VAL C 188 -22.27 3.37 -15.58
N ALA C 189 -21.83 2.31 -14.91
CA ALA C 189 -22.73 1.19 -14.65
C ALA C 189 -23.96 1.61 -13.86
N SER C 190 -23.81 2.58 -12.97
CA SER C 190 -24.93 3.00 -12.14
C SER C 190 -25.88 3.95 -12.85
N HIS C 191 -25.57 4.39 -14.07
CA HIS C 191 -26.38 5.45 -14.69
C HIS C 191 -26.71 5.33 -16.17
N GLY C 192 -25.79 4.88 -17.00
CA GLY C 192 -26.05 4.85 -18.43
C GLY C 192 -24.77 4.58 -19.19
N HIS C 193 -24.78 4.91 -20.48
CA HIS C 193 -23.60 4.71 -21.32
C HIS C 193 -23.54 5.85 -22.33
N PHE C 194 -22.38 6.03 -22.94
CA PHE C 194 -22.20 7.10 -23.91
C PHE C 194 -21.52 6.53 -25.16
N TYR C 195 -21.68 7.24 -26.27
CA TYR C 195 -20.98 6.88 -27.50
C TYR C 195 -20.85 8.12 -28.37
N PHE C 196 -19.79 8.13 -29.18
CA PHE C 196 -19.59 9.20 -30.15
C PHE C 196 -20.36 8.89 -31.42
N ASN C 197 -21.19 9.83 -31.85
CA ASN C 197 -21.94 9.71 -33.10
C ASN C 197 -21.08 10.34 -34.19
N ASN C 198 -20.57 9.51 -35.10
CA ASN C 198 -19.67 10.03 -36.13
C ASN C 198 -20.42 10.92 -37.12
N ILE C 199 -21.66 10.57 -37.44
CA ILE C 199 -22.40 11.36 -38.41
C ILE C 199 -22.68 12.76 -37.88
N ASP C 200 -23.12 12.87 -36.63
CA ASP C 200 -23.40 14.16 -36.02
C ASP C 200 -22.17 14.80 -35.38
N SER C 201 -21.06 14.06 -35.28
CA SER C 201 -19.84 14.52 -34.62
C SER C 201 -20.13 15.09 -33.23
N LYS C 202 -20.96 14.39 -32.45
CA LYS C 202 -21.22 14.76 -31.07
C LYS C 202 -21.32 13.50 -30.22
N PHE C 203 -21.23 13.68 -28.92
CA PHE C 203 -21.40 12.57 -27.99
C PHE C 203 -22.87 12.44 -27.62
N ASN C 204 -23.35 11.20 -27.55
CA ASN C 204 -24.71 10.88 -27.14
C ASN C 204 -24.68 10.13 -25.82
N PHE C 205 -25.56 10.50 -24.91
CA PHE C 205 -25.70 9.79 -23.64
C PHE C 205 -27.05 9.08 -23.60
N GLU C 206 -27.04 7.85 -23.11
CA GLU C 206 -28.25 7.06 -22.95
C GLU C 206 -28.38 6.66 -21.48
N HIS C 207 -29.50 7.00 -20.88
CA HIS C 207 -29.67 6.85 -19.44
C HIS C 207 -30.41 5.56 -19.12
N GLY C 208 -29.90 4.82 -18.14
CA GLY C 208 -30.58 3.62 -17.69
C GLY C 208 -30.67 2.57 -18.77
N ASN C 209 -31.79 1.85 -18.75
CA ASN C 209 -32.06 0.78 -19.73
C ASN C 209 -30.87 -0.17 -19.84
N LYS C 210 -30.47 -0.72 -18.67
CA LYS C 210 -29.47 -1.78 -18.52
C LYS C 210 -28.12 -1.34 -19.08
N PRO C 211 -27.47 -0.38 -18.43
CA PRO C 211 -26.27 0.27 -19.02
C PRO C 211 -25.17 -0.68 -19.45
N ALA C 212 -24.80 -1.67 -18.65
CA ALA C 212 -23.68 -2.54 -19.03
C ALA C 212 -24.04 -3.39 -20.23
N THR C 213 -25.30 -3.86 -20.30
CA THR C 213 -25.71 -4.65 -21.45
C THR C 213 -25.79 -3.77 -22.70
N ALA C 214 -26.28 -2.55 -22.56
CA ALA C 214 -26.34 -1.64 -23.71
C ALA C 214 -24.94 -1.33 -24.22
N PHE C 215 -23.99 -1.09 -23.31
CA PHE C 215 -22.60 -0.88 -23.69
C PHE C 215 -22.05 -2.09 -24.43
N LEU C 216 -22.31 -3.29 -23.89
CA LEU C 216 -21.79 -4.52 -24.51
C LEU C 216 -22.30 -4.66 -25.93
N PHE C 217 -23.60 -4.41 -26.15
CA PHE C 217 -24.14 -4.53 -27.50
C PHE C 217 -23.57 -3.47 -28.42
N ARG C 218 -23.42 -2.23 -27.93
CA ARG C 218 -22.82 -1.18 -28.74
C ARG C 218 -21.41 -1.57 -29.16
N LEU C 219 -20.66 -2.17 -28.24
CA LEU C 219 -19.30 -2.58 -28.55
C LEU C 219 -19.28 -3.69 -29.59
N ILE C 220 -20.14 -4.69 -29.43
CA ILE C 220 -20.18 -5.76 -30.42
C ILE C 220 -20.54 -5.21 -31.80
N ALA C 221 -21.56 -4.36 -31.88
CA ALA C 221 -21.98 -3.86 -33.17
C ALA C 221 -20.89 -3.02 -33.83
N GLN C 222 -20.22 -2.18 -33.04
CA GLN C 222 -19.16 -1.35 -33.63
C GLN C 222 -17.96 -2.20 -34.02
N LEU C 223 -17.60 -3.19 -33.21
CA LEU C 223 -16.47 -4.03 -33.58
C LEU C 223 -16.72 -4.75 -34.89
N GLN C 224 -17.98 -5.13 -35.18
CA GLN C 224 -18.23 -5.84 -36.42
C GLN C 224 -17.72 -5.06 -37.65
N PHE C 225 -17.81 -3.73 -37.61
CA PHE C 225 -17.38 -2.91 -38.75
C PHE C 225 -15.87 -3.01 -38.96
N SER C 226 -15.11 -3.32 -37.92
CA SER C 226 -13.66 -3.40 -38.02
C SER C 226 -13.19 -4.66 -38.73
N GLY C 227 -14.04 -5.68 -38.82
CA GLY C 227 -13.60 -6.96 -39.33
C GLY C 227 -12.45 -7.50 -38.49
N THR C 228 -11.55 -8.23 -39.14
CA THR C 228 -10.37 -8.74 -38.45
C THR C 228 -9.21 -7.75 -38.57
N VAL C 229 -8.30 -7.82 -37.60
CA VAL C 229 -7.09 -7.00 -37.63
C VAL C 229 -6.36 -7.18 -38.94
N PRO C 230 -5.64 -6.14 -39.40
CA PRO C 230 -4.72 -6.31 -40.53
C PRO C 230 -3.64 -7.34 -40.21
N MET C 231 -3.05 -7.84 -41.28
CA MET C 231 -2.06 -8.90 -41.12
C MET C 231 -0.70 -8.31 -40.77
N ILE C 232 -0.19 -8.75 -39.61
CA ILE C 232 1.04 -8.22 -39.03
C ILE C 232 2.25 -8.62 -39.85
N ASP C 233 3.21 -7.71 -39.93
CA ASP C 233 4.53 -7.99 -40.51
C ASP C 233 5.46 -8.31 -39.36
N ILE C 234 5.58 -9.60 -39.03
CA ILE C 234 6.41 -9.94 -37.88
C ILE C 234 7.87 -9.66 -38.16
N ASP C 235 8.28 -9.62 -39.43
CA ASP C 235 9.68 -9.30 -39.74
C ASP C 235 10.02 -7.84 -39.43
N ALA C 236 9.03 -6.96 -39.33
CA ALA C 236 9.29 -5.61 -38.85
C ALA C 236 9.73 -5.63 -37.39
N TYR C 237 9.10 -6.49 -36.59
CA TYR C 237 9.57 -6.69 -35.23
C TYR C 237 10.94 -7.34 -35.21
N GLY C 238 11.21 -8.20 -36.17
CA GLY C 238 12.46 -8.92 -36.23
C GLY C 238 13.68 -8.06 -36.45
N LYS C 239 13.48 -6.81 -36.85
CA LYS C 239 14.63 -5.93 -36.95
C LYS C 239 15.29 -5.72 -35.60
N TRP C 240 14.59 -5.96 -34.50
CA TRP C 240 15.14 -5.77 -33.18
C TRP C 240 15.87 -6.99 -32.62
N LEU C 241 15.97 -8.08 -33.39
CA LEU C 241 16.74 -9.23 -32.95
C LEU C 241 18.23 -8.95 -32.98
N ALA C 242 18.68 -8.09 -33.87
CA ALA C 242 20.11 -7.78 -33.99
C ALA C 242 20.44 -6.48 -33.27
CL CL G . 1.89 -3.40 12.93
#